data_5OPD
#
_entry.id   5OPD
#
_cell.length_a   59.840
_cell.length_b   61.880
_cell.length_c   65.480
_cell.angle_alpha   70.37
_cell.angle_beta   75.83
_cell.angle_gamma   89.41
#
_symmetry.space_group_name_H-M   'P 1'
#
loop_
_entity.id
_entity.type
_entity.pdbx_description
1 polymer 'Elongation factor Tu 1'
2 non-polymer 'IODIDE ION'
3 non-polymer 'MAGNESIUM ION'
4 non-polymer "GUANOSINE-5'-TRIPHOSPHATE"
5 non-polymer 'SODIUM ION'
6 non-polymer GLYCEROL
7 water water
#
_entity_poly.entity_id   1
_entity_poly.type   'polypeptide(L)'
_entity_poly.pdbx_seq_one_letter_code
;MSKEKFERTKPHVNVGTIGHVDHGKTTLTAAITTVLAKTYGGAARAFDQIDNAPEEKARGITINTSHVEYDTPTRHYAHV
DCPGHADYVKNMITGAAQMDGAILVVAATDGPMPQTREHILLGRQVGVPYIIVFLNKCDMVDDEELLELVEMEVRELLSQ
YDFPGDDTPIVRGSALKALEGDAEWEAKILELAGFLDSYIPEPERAIDKPFLLPIEDVFSISGRGTVVTGRVERGIIKVG
EEVEIVGIKETQKSTCTGVEMFRKLLDEGRAGENVGVLLRGIKREEIERGQVLAKPGTIKPHTKFESEVYILSKDEGGRH
TPFFKGYRPQFYFRTTDVTGTIELPEGVEMVMPGDNIKMVVTLIHPIAMDDGLRFAIREGGR(TPO)VGAGVVAKVLGHH
HHHH
;
_entity_poly.pdbx_strand_id   A,B
#
# COMPACT_ATOMS: atom_id res chain seq x y z
N PRO A 11 3.04 -9.56 -20.10
CA PRO A 11 3.89 -10.63 -19.53
C PRO A 11 5.00 -10.02 -18.66
N HIS A 12 4.59 -9.67 -17.42
CA HIS A 12 5.34 -8.97 -16.37
C HIS A 12 6.18 -9.90 -15.49
N VAL A 13 7.44 -9.50 -15.23
CA VAL A 13 8.40 -10.23 -14.37
C VAL A 13 8.99 -9.20 -13.38
N ASN A 14 9.23 -9.61 -12.11
CA ASN A 14 9.79 -8.74 -11.06
C ASN A 14 11.26 -9.05 -10.79
N VAL A 15 12.13 -8.05 -10.92
CA VAL A 15 13.55 -8.21 -10.64
C VAL A 15 14.06 -7.12 -9.69
N GLY A 16 15.35 -7.18 -9.36
CA GLY A 16 15.98 -6.19 -8.49
C GLY A 16 17.48 -6.23 -8.59
N THR A 17 18.13 -5.13 -8.19
CA THR A 17 19.59 -5.04 -8.15
C THR A 17 20.04 -5.22 -6.71
N ILE A 18 20.80 -6.28 -6.50
CA ILE A 18 21.37 -6.74 -5.25
C ILE A 18 22.90 -6.56 -5.36
N GLY A 19 23.57 -6.23 -4.26
CA GLY A 19 25.02 -5.99 -4.24
C GLY A 19 25.50 -5.14 -3.09
N HIS A 20 26.81 -4.97 -2.99
CA HIS A 20 27.48 -4.17 -1.95
C HIS A 20 27.34 -2.68 -2.25
N VAL A 21 27.28 -1.86 -1.20
CA VAL A 21 27.22 -0.40 -1.25
C VAL A 21 28.32 0.15 -2.18
N ASP A 22 27.97 1.12 -3.05
CA ASP A 22 28.88 1.76 -4.01
C ASP A 22 29.35 0.84 -5.18
N HIS A 23 28.80 -0.38 -5.33
CA HIS A 23 29.23 -1.28 -6.42
C HIS A 23 28.59 -0.97 -7.80
N GLY A 24 27.70 0.03 -7.83
CA GLY A 24 27.06 0.50 -9.05
C GLY A 24 25.68 -0.06 -9.31
N LYS A 25 24.87 -0.28 -8.25
CA LYS A 25 23.52 -0.82 -8.42
C LYS A 25 22.59 0.22 -9.07
N THR A 26 22.53 1.44 -8.49
CA THR A 26 21.70 2.54 -9.01
C THR A 26 22.08 2.92 -10.44
N THR A 27 23.40 3.00 -10.72
CA THR A 27 23.94 3.33 -12.04
C THR A 27 23.43 2.32 -13.07
N LEU A 28 23.40 1.02 -12.70
CA LEU A 28 22.96 -0.07 -13.57
C LEU A 28 21.46 0.02 -13.87
N THR A 29 20.66 0.34 -12.86
CA THR A 29 19.21 0.48 -12.97
C THR A 29 18.87 1.58 -13.99
N ALA A 30 19.57 2.74 -13.87
CA ALA A 30 19.43 3.89 -14.76
C ALA A 30 19.87 3.52 -16.16
N ALA A 31 21.02 2.79 -16.28
CA ALA A 31 21.56 2.32 -17.57
C ALA A 31 20.56 1.40 -18.27
N ILE A 32 19.98 0.44 -17.54
CA ILE A 32 18.98 -0.51 -18.03
C ILE A 32 17.78 0.22 -18.68
N THR A 33 17.18 1.18 -17.94
CA THR A 33 16.07 2.00 -18.42
C THR A 33 16.46 2.81 -19.64
N THR A 34 17.61 3.53 -19.62
CA THR A 34 18.06 4.39 -20.73
C THR A 34 18.43 3.61 -22.02
N VAL A 35 19.21 2.52 -21.91
CA VAL A 35 19.64 1.70 -23.06
C VAL A 35 18.44 1.03 -23.76
N LEU A 36 17.56 0.37 -23.01
CA LEU A 36 16.34 -0.24 -23.54
C LEU A 36 15.40 0.86 -24.07
N ALA A 37 15.54 2.13 -23.61
CA ALA A 37 14.71 3.25 -24.08
C ALA A 37 15.21 3.73 -25.46
N LYS A 38 16.55 3.78 -25.65
CA LYS A 38 17.21 4.16 -26.89
C LYS A 38 16.93 3.10 -27.97
N THR A 39 16.92 1.82 -27.57
CA THR A 39 16.77 0.66 -28.44
C THR A 39 15.30 0.28 -28.70
N TYR A 40 14.54 -0.12 -27.65
CA TYR A 40 13.17 -0.60 -27.80
C TYR A 40 12.06 0.40 -27.40
N GLY A 41 12.13 0.99 -26.20
CA GLY A 41 11.10 1.94 -25.76
C GLY A 41 11.22 2.49 -24.36
N GLY A 42 10.76 3.73 -24.20
CA GLY A 42 10.77 4.46 -22.94
C GLY A 42 11.20 5.91 -23.08
N ALA A 44 12.75 5.89 -19.48
CA ALA A 44 14.15 6.08 -19.08
C ALA A 44 14.28 6.88 -17.79
N ARG A 45 15.10 6.37 -16.85
CA ARG A 45 15.33 7.06 -15.58
C ARG A 45 16.82 7.30 -15.34
N ALA A 46 17.14 8.40 -14.66
CA ALA A 46 18.50 8.83 -14.34
C ALA A 46 18.84 8.58 -12.87
N PHE A 47 20.13 8.62 -12.53
CA PHE A 47 20.67 8.39 -11.19
C PHE A 47 19.94 9.15 -10.07
N ASP A 48 19.79 10.48 -10.18
CA ASP A 48 19.12 11.35 -9.19
C ASP A 48 17.70 10.91 -8.85
N GLN A 49 16.98 10.32 -9.83
CA GLN A 49 15.60 9.83 -9.69
C GLN A 49 15.53 8.52 -8.87
N ILE A 50 16.46 7.57 -9.13
CA ILE A 50 16.51 6.23 -8.48
C ILE A 50 17.28 6.28 -7.13
N ASP A 51 18.32 7.13 -7.02
CA ASP A 51 19.09 7.28 -5.77
C ASP A 51 18.15 7.78 -4.65
N ASN A 52 17.30 8.78 -4.97
CA ASN A 52 16.29 9.33 -4.07
C ASN A 52 15.12 8.32 -4.09
N ALA A 53 15.10 7.39 -3.11
CA ALA A 53 14.08 6.34 -3.03
C ALA A 53 12.88 6.68 -2.16
N PRO A 54 11.63 6.42 -2.63
CA PRO A 54 10.44 6.71 -1.79
C PRO A 54 10.27 5.77 -0.59
N GLU A 55 9.07 5.83 0.07
CA GLU A 55 8.67 5.08 1.27
C GLU A 55 9.66 5.28 2.41
N ILE A 61 8.51 0.32 10.39
CA ILE A 61 8.89 -0.49 9.23
C ILE A 61 9.25 0.41 8.03
N THR A 62 10.35 1.16 8.16
CA THR A 62 10.86 2.09 7.16
C THR A 62 11.77 1.44 6.12
N ILE A 63 11.18 1.01 4.98
CA ILE A 63 11.91 0.41 3.85
C ILE A 63 11.97 1.43 2.72
N ASN A 64 13.11 2.14 2.55
CA ASN A 64 13.32 3.10 1.46
C ASN A 64 13.63 2.34 0.19
N THR A 65 12.73 2.38 -0.80
CA THR A 65 12.89 1.61 -2.04
C THR A 65 12.33 2.28 -3.30
N SER A 66 13.17 2.39 -4.34
CA SER A 66 12.81 2.87 -5.67
C SER A 66 12.23 1.70 -6.45
N HIS A 67 11.15 1.94 -7.20
CA HIS A 67 10.49 0.96 -8.06
C HIS A 67 10.53 1.46 -9.50
N VAL A 68 11.37 0.83 -10.35
CA VAL A 68 11.57 1.24 -11.76
C VAL A 68 10.82 0.30 -12.73
N GLU A 69 10.41 0.84 -13.89
CA GLU A 69 9.71 0.08 -14.94
C GLU A 69 10.46 0.14 -16.27
N TYR A 70 10.64 -1.02 -16.92
CA TYR A 70 11.26 -1.07 -18.24
C TYR A 70 10.73 -2.24 -19.06
N ASP A 71 10.87 -2.13 -20.39
CA ASP A 71 10.34 -3.13 -21.30
C ASP A 71 11.36 -3.74 -22.20
N THR A 72 11.15 -5.01 -22.49
CA THR A 72 11.88 -5.80 -23.47
C THR A 72 10.82 -6.10 -24.55
N PRO A 73 11.16 -6.36 -25.83
CA PRO A 73 10.11 -6.64 -26.83
C PRO A 73 9.11 -7.73 -26.43
N THR A 74 9.53 -8.63 -25.53
CA THR A 74 8.75 -9.78 -25.09
C THR A 74 8.20 -9.71 -23.64
N ARG A 75 8.85 -8.94 -22.74
CA ARG A 75 8.41 -8.84 -21.34
C ARG A 75 8.38 -7.43 -20.79
N HIS A 76 7.66 -7.27 -19.67
CA HIS A 76 7.58 -6.02 -18.91
C HIS A 76 8.28 -6.27 -17.59
N TYR A 77 9.02 -5.29 -17.08
CA TYR A 77 9.71 -5.48 -15.80
C TYR A 77 9.47 -4.42 -14.76
N ALA A 78 9.28 -4.88 -13.51
CA ALA A 78 9.23 -4.07 -12.31
C ALA A 78 10.57 -4.36 -11.61
N HIS A 79 11.33 -3.30 -11.30
CA HIS A 79 12.67 -3.37 -10.75
C HIS A 79 12.75 -2.67 -9.40
N VAL A 80 13.44 -3.29 -8.45
CA VAL A 80 13.61 -2.70 -7.14
C VAL A 80 15.09 -2.33 -6.92
N ASP A 81 15.33 -1.13 -6.40
CA ASP A 81 16.68 -0.67 -6.11
C ASP A 81 16.65 0.18 -4.84
N CYS A 82 17.40 -0.27 -3.82
CA CYS A 82 17.45 0.35 -2.50
C CYS A 82 18.80 1.04 -2.19
N PRO A 83 18.78 2.12 -1.36
CA PRO A 83 20.02 2.85 -1.06
C PRO A 83 21.10 2.12 -0.24
N GLY A 84 20.69 1.32 0.74
CA GLY A 84 21.61 0.63 1.63
C GLY A 84 21.14 -0.71 2.15
N HIS A 85 22.10 -1.50 2.70
CA HIS A 85 21.94 -2.86 3.24
C HIS A 85 20.65 -3.09 3.98
N ALA A 86 20.30 -2.14 4.87
CA ALA A 86 19.08 -2.15 5.69
C ALA A 86 17.82 -2.40 4.84
N ASP A 87 17.69 -1.67 3.71
CA ASP A 87 16.53 -1.77 2.82
C ASP A 87 16.50 -3.08 2.03
N TYR A 88 17.66 -3.74 1.81
CA TYR A 88 17.68 -5.03 1.13
C TYR A 88 17.27 -6.14 2.07
N VAL A 89 17.74 -6.09 3.33
CA VAL A 89 17.35 -7.05 4.37
C VAL A 89 15.83 -6.95 4.47
N LYS A 90 15.31 -5.76 4.87
CA LYS A 90 13.88 -5.44 5.03
C LYS A 90 13.01 -5.92 3.88
N ASN A 91 13.38 -5.62 2.62
CA ASN A 91 12.62 -6.02 1.43
C ASN A 91 12.61 -7.52 1.17
N MET A 92 13.69 -8.20 1.51
CA MET A 92 13.75 -9.63 1.25
C MET A 92 12.95 -10.43 2.32
N ILE A 93 13.00 -9.99 3.60
CA ILE A 93 12.28 -10.56 4.75
C ILE A 93 10.77 -10.31 4.57
N THR A 94 10.36 -9.02 4.45
CA THR A 94 8.96 -8.57 4.32
C THR A 94 8.25 -8.95 3.02
N GLY A 95 8.93 -9.68 2.13
CA GLY A 95 8.38 -10.13 0.85
C GLY A 95 8.14 -9.05 -0.19
N ALA A 96 8.07 -7.77 0.24
CA ALA A 96 7.81 -6.56 -0.53
C ALA A 96 8.65 -6.38 -1.82
N ALA A 97 9.77 -7.10 -1.93
CA ALA A 97 10.64 -7.03 -3.09
C ALA A 97 10.06 -7.80 -4.28
N GLN A 98 9.22 -8.83 -4.00
CA GLN A 98 8.51 -9.69 -4.96
C GLN A 98 9.39 -10.30 -6.08
N MET A 99 10.73 -10.33 -5.90
CA MET A 99 11.72 -10.79 -6.87
C MET A 99 11.46 -12.18 -7.42
N ASP A 100 11.42 -12.27 -8.76
CA ASP A 100 11.25 -13.51 -9.54
C ASP A 100 12.64 -13.97 -9.97
N GLY A 101 13.59 -13.07 -9.75
CA GLY A 101 15.00 -13.21 -10.06
C GLY A 101 15.72 -11.93 -9.68
N ALA A 102 17.00 -12.03 -9.31
CA ALA A 102 17.79 -10.90 -8.88
C ALA A 102 18.97 -10.71 -9.79
N ILE A 103 19.52 -9.49 -9.78
CA ILE A 103 20.71 -9.13 -10.51
C ILE A 103 21.71 -8.75 -9.46
N LEU A 104 22.79 -9.56 -9.32
CA LEU A 104 23.88 -9.29 -8.39
C LEU A 104 24.90 -8.41 -9.10
N VAL A 105 25.19 -7.24 -8.53
CA VAL A 105 26.19 -6.29 -9.04
C VAL A 105 27.50 -6.48 -8.24
N VAL A 106 28.56 -6.83 -8.95
CA VAL A 106 29.87 -7.04 -8.35
C VAL A 106 30.81 -6.08 -9.09
N ALA A 107 31.60 -5.30 -8.35
CA ALA A 107 32.54 -4.36 -8.95
C ALA A 107 33.82 -5.14 -9.25
N ALA A 108 34.39 -4.96 -10.44
CA ALA A 108 35.63 -5.64 -10.85
C ALA A 108 36.83 -5.04 -10.08
N THR A 109 36.64 -3.83 -9.52
CA THR A 109 37.64 -3.12 -8.73
C THR A 109 37.84 -3.82 -7.39
N ASP A 110 36.75 -4.02 -6.64
CA ASP A 110 36.77 -4.60 -5.30
C ASP A 110 36.51 -6.11 -5.26
N GLY A 111 35.55 -6.56 -6.04
CA GLY A 111 35.16 -7.97 -6.10
C GLY A 111 34.14 -8.29 -5.02
N PRO A 112 33.80 -9.58 -4.80
CA PRO A 112 32.84 -9.90 -3.72
C PRO A 112 33.30 -9.29 -2.39
N MET A 113 32.42 -8.48 -1.75
CA MET A 113 32.66 -7.81 -0.47
C MET A 113 31.70 -8.38 0.62
N PRO A 114 31.71 -7.94 1.92
CA PRO A 114 30.79 -8.54 2.91
C PRO A 114 29.30 -8.58 2.50
N GLN A 115 28.72 -7.45 2.04
CA GLN A 115 27.33 -7.38 1.59
C GLN A 115 27.03 -8.20 0.32
N THR A 116 28.05 -8.55 -0.49
CA THR A 116 27.81 -9.39 -1.69
C THR A 116 27.32 -10.78 -1.24
N ARG A 117 28.06 -11.41 -0.30
CA ARG A 117 27.81 -12.71 0.30
C ARG A 117 26.51 -12.70 1.12
N GLU A 118 26.30 -11.64 1.93
CA GLU A 118 25.11 -11.48 2.78
C GLU A 118 23.84 -11.38 1.92
N HIS A 119 23.95 -10.81 0.72
CA HIS A 119 22.82 -10.70 -0.22
C HIS A 119 22.51 -12.01 -0.91
N ILE A 120 23.54 -12.86 -1.15
CA ILE A 120 23.40 -14.20 -1.74
C ILE A 120 22.77 -15.13 -0.68
N LEU A 121 23.29 -15.05 0.56
CA LEU A 121 22.83 -15.82 1.72
C LEU A 121 21.32 -15.58 1.97
N LEU A 122 20.91 -14.31 2.07
CA LEU A 122 19.53 -13.86 2.26
C LEU A 122 18.69 -14.29 1.06
N GLY A 123 19.30 -14.32 -0.12
CA GLY A 123 18.65 -14.78 -1.34
C GLY A 123 18.23 -16.23 -1.21
N ARG A 124 19.14 -17.08 -0.64
CA ARG A 124 18.86 -18.50 -0.37
C ARG A 124 17.77 -18.60 0.71
N GLN A 125 17.93 -17.82 1.80
CA GLN A 125 17.01 -17.75 2.94
C GLN A 125 15.61 -17.20 2.62
N VAL A 126 15.46 -16.27 1.68
CA VAL A 126 14.13 -15.71 1.37
C VAL A 126 13.52 -16.39 0.13
N GLY A 127 14.31 -17.23 -0.54
CA GLY A 127 13.88 -18.01 -1.69
C GLY A 127 13.91 -17.36 -3.04
N VAL A 128 14.87 -16.42 -3.27
CA VAL A 128 15.07 -15.74 -4.57
C VAL A 128 15.48 -16.86 -5.54
N PRO A 129 14.62 -17.15 -6.53
CA PRO A 129 14.87 -18.31 -7.40
C PRO A 129 16.05 -18.23 -8.34
N TYR A 130 16.34 -17.06 -8.93
CA TYR A 130 17.43 -16.96 -9.92
C TYR A 130 18.25 -15.74 -9.69
N ILE A 131 19.56 -15.86 -9.79
CA ILE A 131 20.49 -14.74 -9.64
C ILE A 131 21.36 -14.65 -10.91
N ILE A 132 21.38 -13.48 -11.55
CA ILE A 132 22.23 -13.22 -12.73
C ILE A 132 23.24 -12.19 -12.27
N VAL A 133 24.48 -12.31 -12.71
CA VAL A 133 25.56 -11.43 -12.30
C VAL A 133 25.95 -10.43 -13.39
N PHE A 134 26.06 -9.15 -12.98
CA PHE A 134 26.57 -8.06 -13.81
C PHE A 134 27.88 -7.65 -13.12
N LEU A 135 29.00 -7.81 -13.85
CA LEU A 135 30.33 -7.48 -13.36
C LEU A 135 30.59 -6.07 -13.86
N ASN A 136 30.40 -5.12 -12.95
CA ASN A 136 30.54 -3.70 -13.21
C ASN A 136 31.98 -3.19 -13.03
N LYS A 137 32.20 -1.92 -13.41
CA LYS A 137 33.46 -1.15 -13.33
C LYS A 137 34.59 -1.81 -14.11
N CYS A 138 34.27 -2.35 -15.31
CA CYS A 138 35.28 -3.00 -16.17
C CYS A 138 36.08 -1.96 -16.96
N ASP A 139 35.53 -0.74 -17.06
CA ASP A 139 36.17 0.42 -17.68
C ASP A 139 37.43 0.79 -16.88
N MET A 140 37.42 0.44 -15.58
CA MET A 140 38.49 0.69 -14.62
C MET A 140 39.47 -0.50 -14.44
N VAL A 141 39.21 -1.63 -15.13
CA VAL A 141 40.04 -2.83 -15.10
C VAL A 141 40.70 -3.03 -16.46
N ASP A 142 42.04 -3.16 -16.48
CA ASP A 142 42.82 -3.32 -17.71
C ASP A 142 43.36 -4.75 -17.91
N ASP A 143 43.46 -5.56 -16.84
CA ASP A 143 43.91 -6.96 -16.91
C ASP A 143 42.72 -7.90 -17.04
N GLU A 144 42.83 -8.89 -17.95
CA GLU A 144 41.79 -9.90 -18.19
C GLU A 144 41.80 -10.92 -17.04
N GLU A 145 43.02 -11.26 -16.54
CA GLU A 145 43.28 -12.20 -15.44
C GLU A 145 42.56 -11.76 -14.18
N LEU A 146 42.45 -10.44 -13.97
CA LEU A 146 41.78 -9.84 -12.83
C LEU A 146 40.29 -10.10 -12.90
N LEU A 147 39.68 -9.92 -14.09
CA LEU A 147 38.25 -10.13 -14.30
C LEU A 147 37.83 -11.60 -14.13
N GLU A 148 38.70 -12.54 -14.56
CA GLU A 148 38.45 -13.97 -14.46
C GLU A 148 38.53 -14.42 -13.02
N LEU A 149 39.40 -13.78 -12.22
CA LEU A 149 39.55 -14.07 -10.78
C LEU A 149 38.35 -13.59 -10.00
N VAL A 150 37.79 -12.41 -10.37
CA VAL A 150 36.60 -11.82 -9.74
C VAL A 150 35.37 -12.66 -10.10
N GLU A 151 35.27 -13.11 -11.38
CA GLU A 151 34.21 -13.97 -11.89
C GLU A 151 34.21 -15.34 -11.20
N MET A 152 35.40 -15.99 -11.07
CA MET A 152 35.56 -17.29 -10.38
C MET A 152 35.11 -17.17 -8.92
N GLU A 153 35.55 -16.09 -8.23
CA GLU A 153 35.24 -15.76 -6.84
C GLU A 153 33.72 -15.67 -6.64
N VAL A 154 33.01 -15.07 -7.62
CA VAL A 154 31.56 -14.96 -7.64
C VAL A 154 30.93 -16.34 -7.92
N ARG A 155 31.48 -17.11 -8.88
CA ARG A 155 30.95 -18.45 -9.16
C ARG A 155 31.04 -19.33 -7.90
N GLU A 156 32.18 -19.24 -7.17
CA GLU A 156 32.48 -19.92 -5.90
C GLU A 156 31.46 -19.50 -4.84
N LEU A 157 31.21 -18.18 -4.72
CA LEU A 157 30.30 -17.57 -3.74
C LEU A 157 28.86 -17.97 -3.95
N LEU A 158 28.41 -18.10 -5.21
CA LEU A 158 27.03 -18.49 -5.53
C LEU A 158 26.76 -19.97 -5.22
N SER A 159 27.69 -20.88 -5.61
CA SER A 159 27.56 -22.32 -5.40
C SER A 159 27.59 -22.73 -3.95
N GLN A 160 28.14 -21.87 -3.08
CA GLN A 160 28.16 -22.07 -1.63
C GLN A 160 26.75 -21.94 -1.04
N TYR A 161 25.94 -21.05 -1.62
CA TYR A 161 24.56 -20.80 -1.16
C TYR A 161 23.55 -21.45 -2.10
N ASP A 162 23.97 -22.60 -2.67
CA ASP A 162 23.24 -23.56 -3.52
C ASP A 162 22.76 -22.99 -4.86
N PHE A 163 23.42 -21.89 -5.34
CA PHE A 163 23.09 -21.28 -6.62
C PHE A 163 23.88 -21.96 -7.77
N PRO A 164 23.34 -22.08 -9.02
CA PRO A 164 24.10 -22.76 -10.08
C PRO A 164 25.23 -21.92 -10.65
N GLY A 165 26.29 -21.75 -9.86
CA GLY A 165 27.47 -20.95 -10.18
C GLY A 165 28.06 -21.17 -11.55
N ASP A 166 28.15 -22.42 -11.98
CA ASP A 166 28.69 -22.81 -13.30
C ASP A 166 27.71 -22.50 -14.45
N ASP A 167 26.38 -22.48 -14.16
CA ASP A 167 25.31 -22.17 -15.13
C ASP A 167 24.76 -20.74 -14.99
N THR A 168 25.36 -19.92 -14.11
CA THR A 168 24.94 -18.53 -13.89
C THR A 168 25.49 -17.58 -14.99
N PRO A 169 24.63 -16.74 -15.62
CA PRO A 169 25.15 -15.80 -16.61
C PRO A 169 25.91 -14.66 -15.93
N ILE A 170 27.17 -14.43 -16.33
CA ILE A 170 27.97 -13.34 -15.78
C ILE A 170 28.34 -12.39 -16.91
N VAL A 171 27.72 -11.21 -16.94
CA VAL A 171 27.93 -10.18 -17.95
C VAL A 171 28.99 -9.19 -17.48
N ARG A 172 30.10 -9.10 -18.23
CA ARG A 172 31.18 -8.13 -18.01
C ARG A 172 30.64 -6.78 -18.50
N GLY A 173 30.93 -5.70 -17.80
CA GLY A 173 30.47 -4.39 -18.24
C GLY A 173 30.83 -3.18 -17.40
N SER A 174 30.26 -2.04 -17.80
CA SER A 174 30.37 -0.74 -17.18
C SER A 174 28.99 -0.12 -17.32
N ALA A 175 28.32 0.07 -16.19
CA ALA A 175 27.00 0.65 -16.10
C ALA A 175 27.07 2.14 -16.42
N LEU A 176 28.12 2.85 -15.91
CA LEU A 176 28.37 4.28 -16.12
C LEU A 176 28.76 4.64 -17.54
N LYS A 177 29.78 3.96 -18.13
CA LYS A 177 30.18 4.24 -19.52
C LYS A 177 29.03 3.95 -20.50
N ALA A 178 28.10 3.03 -20.17
CA ALA A 178 26.93 2.76 -20.99
C ALA A 178 25.89 3.86 -20.73
N LEU A 179 25.81 4.35 -19.47
CA LEU A 179 24.89 5.41 -19.04
C LEU A 179 25.23 6.72 -19.76
N GLU A 180 26.56 7.00 -19.91
CA GLU A 180 27.13 8.18 -20.57
C GLU A 180 26.81 8.19 -22.06
N GLY A 181 26.82 7.01 -22.71
CA GLY A 181 26.51 6.88 -24.13
C GLY A 181 27.38 5.97 -24.97
N ASP A 182 28.60 5.60 -24.49
CA ASP A 182 29.55 4.73 -25.19
C ASP A 182 28.88 3.45 -25.68
N ALA A 183 28.65 3.36 -27.00
CA ALA A 183 27.95 2.27 -27.70
C ALA A 183 28.49 0.86 -27.43
N GLU A 184 29.81 0.72 -27.22
CA GLU A 184 30.45 -0.57 -26.91
C GLU A 184 29.90 -1.18 -25.60
N TRP A 185 29.66 -0.32 -24.59
CA TRP A 185 29.16 -0.70 -23.27
C TRP A 185 27.63 -0.87 -23.22
N GLU A 186 26.89 -0.22 -24.15
CA GLU A 186 25.43 -0.35 -24.27
C GLU A 186 25.06 -1.76 -24.77
N ALA A 187 26.02 -2.42 -25.44
CA ALA A 187 25.88 -3.78 -25.94
C ALA A 187 25.85 -4.78 -24.75
N LYS A 188 26.51 -4.44 -23.62
CA LYS A 188 26.55 -5.26 -22.40
C LYS A 188 25.26 -5.13 -21.57
N ILE A 189 24.62 -3.94 -21.60
CA ILE A 189 23.34 -3.70 -20.94
C ILE A 189 22.25 -4.52 -21.66
N LEU A 190 22.31 -4.56 -23.01
CA LEU A 190 21.38 -5.33 -23.84
C LEU A 190 21.59 -6.84 -23.63
N GLU A 191 22.86 -7.27 -23.43
CA GLU A 191 23.24 -8.66 -23.15
C GLU A 191 22.57 -9.08 -21.85
N LEU A 192 22.68 -8.20 -20.81
CA LEU A 192 22.09 -8.39 -19.48
C LEU A 192 20.59 -8.56 -19.59
N ALA A 193 19.93 -7.62 -20.32
CA ALA A 193 18.48 -7.61 -20.52
C ALA A 193 18.01 -8.87 -21.22
N GLY A 194 18.87 -9.47 -22.05
CA GLY A 194 18.59 -10.72 -22.75
C GLY A 194 18.50 -11.90 -21.82
N PHE A 195 19.44 -11.97 -20.85
CA PHE A 195 19.51 -13.00 -19.81
C PHE A 195 18.38 -12.83 -18.78
N LEU A 196 17.78 -11.62 -18.73
CA LEU A 196 16.62 -11.36 -17.87
C LEU A 196 15.40 -12.04 -18.51
N ASP A 197 15.46 -12.35 -19.81
CA ASP A 197 14.38 -13.00 -20.57
C ASP A 197 14.62 -14.48 -20.77
N SER A 198 15.82 -14.84 -21.25
CA SER A 198 16.21 -16.22 -21.53
C SER A 198 16.40 -17.03 -20.27
N TYR A 199 17.03 -16.44 -19.23
CA TYR A 199 17.36 -17.14 -17.97
C TYR A 199 16.28 -17.05 -16.87
N ILE A 200 15.49 -15.98 -16.73
CA ILE A 200 14.40 -16.00 -15.71
C ILE A 200 13.20 -16.69 -16.40
N PRO A 201 12.73 -17.89 -15.95
CA PRO A 201 11.56 -18.51 -16.62
C PRO A 201 10.28 -17.82 -16.20
N GLU A 202 9.20 -17.99 -17.01
CA GLU A 202 7.89 -17.41 -16.74
C GLU A 202 7.36 -17.96 -15.41
N PRO A 203 7.13 -17.10 -14.38
CA PRO A 203 6.67 -17.63 -13.09
C PRO A 203 5.31 -18.33 -13.20
N GLU A 204 5.18 -19.48 -12.50
CA GLU A 204 3.96 -20.28 -12.45
C GLU A 204 2.83 -19.45 -11.82
N ARG A 205 1.76 -19.24 -12.60
CA ARG A 205 0.56 -18.52 -12.23
C ARG A 205 -0.19 -19.36 -11.14
N ALA A 206 -0.75 -18.70 -10.11
CA ALA A 206 -1.43 -19.30 -8.95
C ALA A 206 -2.50 -20.37 -9.30
N ILE A 207 -3.33 -20.11 -10.33
CA ILE A 207 -4.38 -21.02 -10.82
C ILE A 207 -3.81 -22.39 -11.23
N ASP A 208 -2.47 -22.46 -11.48
CA ASP A 208 -1.79 -23.71 -11.84
C ASP A 208 -1.14 -24.41 -10.64
N LYS A 209 -0.93 -23.67 -9.53
CA LYS A 209 -0.35 -24.21 -8.29
C LYS A 209 -1.45 -24.97 -7.51
N PRO A 210 -1.18 -26.13 -6.86
CA PRO A 210 -2.25 -26.88 -6.16
C PRO A 210 -3.05 -26.07 -5.13
N PHE A 211 -4.38 -26.27 -5.09
CA PHE A 211 -5.37 -25.59 -4.24
C PHE A 211 -4.91 -25.30 -2.82
N LEU A 212 -5.12 -24.04 -2.40
CA LEU A 212 -4.80 -23.54 -1.07
C LEU A 212 -5.75 -22.39 -0.73
N LEU A 213 -6.49 -22.57 0.38
CA LEU A 213 -7.47 -21.62 0.87
C LEU A 213 -7.30 -21.38 2.37
N PRO A 214 -6.69 -20.24 2.77
CA PRO A 214 -6.57 -19.93 4.21
C PRO A 214 -7.96 -19.65 4.81
N ILE A 215 -8.39 -20.49 5.79
CA ILE A 215 -9.70 -20.35 6.45
C ILE A 215 -9.72 -19.05 7.27
N GLU A 216 -10.55 -18.09 6.82
CA GLU A 216 -10.68 -16.78 7.45
C GLU A 216 -11.85 -16.68 8.36
N ASP A 217 -12.91 -17.45 8.07
CA ASP A 217 -14.14 -17.53 8.87
C ASP A 217 -14.85 -18.86 8.69
N VAL A 218 -15.71 -19.23 9.65
CA VAL A 218 -16.46 -20.49 9.65
C VAL A 218 -17.89 -20.29 10.20
N PHE A 219 -18.87 -21.00 9.61
CA PHE A 219 -20.29 -20.93 9.97
C PHE A 219 -21.00 -22.27 9.84
N SER A 220 -22.00 -22.53 10.71
CA SER A 220 -22.87 -23.72 10.65
C SER A 220 -24.13 -23.27 9.89
N ILE A 221 -24.22 -23.61 8.59
CA ILE A 221 -25.34 -23.13 7.77
C ILE A 221 -26.51 -24.13 7.70
N SER A 222 -27.73 -23.56 7.51
CA SER A 222 -29.05 -24.19 7.44
C SER A 222 -29.14 -25.33 6.44
N GLY A 223 -29.41 -26.52 7.00
CA GLY A 223 -29.61 -27.78 6.29
C GLY A 223 -28.55 -28.20 5.28
N ARG A 224 -27.30 -27.68 5.40
CA ARG A 224 -26.23 -27.98 4.43
C ARG A 224 -24.79 -28.10 5.03
N GLY A 225 -24.67 -28.46 6.31
CA GLY A 225 -23.36 -28.66 6.94
C GLY A 225 -22.58 -27.41 7.29
N THR A 226 -21.23 -27.48 7.18
CA THR A 226 -20.35 -26.36 7.54
C THR A 226 -19.70 -25.63 6.35
N VAL A 227 -19.70 -24.28 6.40
CA VAL A 227 -19.11 -23.39 5.40
C VAL A 227 -17.82 -22.80 5.93
N VAL A 228 -16.76 -22.90 5.14
CA VAL A 228 -15.45 -22.37 5.42
C VAL A 228 -15.24 -21.25 4.41
N THR A 229 -14.96 -20.03 4.88
CA THR A 229 -14.76 -18.89 3.99
C THR A 229 -13.30 -18.41 4.03
N GLY A 230 -12.88 -17.80 2.93
CA GLY A 230 -11.54 -17.27 2.73
C GLY A 230 -11.26 -16.99 1.27
N ARG A 231 -10.03 -16.55 0.94
CA ARG A 231 -9.60 -16.24 -0.44
C ARG A 231 -8.73 -17.38 -0.98
N VAL A 232 -9.04 -17.89 -2.18
CA VAL A 232 -8.33 -19.00 -2.82
C VAL A 232 -6.96 -18.48 -3.25
N GLU A 233 -5.90 -18.82 -2.52
CA GLU A 233 -4.54 -18.36 -2.89
C GLU A 233 -3.98 -19.08 -4.14
N ARG A 234 -4.29 -20.37 -4.29
CA ARG A 234 -3.85 -21.15 -5.44
C ARG A 234 -4.94 -22.03 -6.02
N GLY A 235 -4.76 -22.41 -7.27
CA GLY A 235 -5.58 -23.34 -8.03
C GLY A 235 -7.08 -23.21 -8.03
N ILE A 236 -7.75 -24.38 -8.11
CA ILE A 236 -9.20 -24.48 -8.18
C ILE A 236 -9.77 -25.53 -7.23
N ILE A 237 -10.94 -25.25 -6.64
CA ILE A 237 -11.71 -26.18 -5.83
C ILE A 237 -13.02 -26.44 -6.58
N LYS A 238 -13.14 -27.64 -7.16
CA LYS A 238 -14.33 -28.08 -7.87
C LYS A 238 -15.30 -28.79 -6.89
N VAL A 239 -16.62 -28.59 -7.09
CA VAL A 239 -17.66 -29.22 -6.27
C VAL A 239 -17.58 -30.75 -6.48
N GLY A 240 -17.41 -31.46 -5.37
CA GLY A 240 -17.26 -32.91 -5.33
C GLY A 240 -15.84 -33.38 -5.06
N GLU A 241 -14.85 -32.49 -5.27
CA GLU A 241 -13.44 -32.80 -5.04
C GLU A 241 -13.14 -32.95 -3.55
N GLU A 242 -12.26 -33.92 -3.22
CA GLU A 242 -11.79 -34.22 -1.87
C GLU A 242 -10.86 -33.11 -1.41
N VAL A 243 -10.90 -32.76 -0.13
CA VAL A 243 -10.08 -31.68 0.40
C VAL A 243 -9.37 -32.06 1.72
N GLU A 244 -8.47 -31.21 2.22
CA GLU A 244 -7.80 -31.46 3.49
C GLU A 244 -7.79 -30.21 4.37
N ILE A 245 -8.03 -30.40 5.67
CA ILE A 245 -7.99 -29.31 6.63
C ILE A 245 -6.71 -29.54 7.42
N VAL A 246 -5.65 -28.82 6.99
CA VAL A 246 -4.30 -28.88 7.50
C VAL A 246 -4.03 -27.68 8.42
N GLY A 247 -3.44 -27.95 9.58
CA GLY A 247 -3.14 -26.90 10.55
C GLY A 247 -3.09 -27.34 11.99
N ILE A 248 -3.58 -26.47 12.89
CA ILE A 248 -3.64 -26.50 14.39
C ILE A 248 -3.69 -27.91 15.04
N LYS A 249 -4.34 -28.89 14.39
CA LYS A 249 -4.42 -30.28 14.87
C LYS A 249 -4.12 -31.27 13.74
N GLU A 250 -4.42 -32.58 13.94
CA GLU A 250 -4.18 -33.61 12.93
C GLU A 250 -5.10 -33.38 11.72
N THR A 251 -4.52 -33.54 10.52
CA THR A 251 -5.17 -33.35 9.23
C THR A 251 -6.49 -34.14 9.11
N GLN A 252 -7.59 -33.41 8.91
CA GLN A 252 -8.94 -33.92 8.70
C GLN A 252 -9.23 -33.89 7.19
N LYS A 253 -9.92 -34.90 6.64
CA LYS A 253 -10.24 -34.91 5.21
C LYS A 253 -11.74 -34.79 4.95
N SER A 254 -12.13 -33.90 4.03
CA SER A 254 -13.53 -33.70 3.68
C SER A 254 -13.76 -33.74 2.16
N THR A 255 -14.96 -33.36 1.74
CA THR A 255 -15.37 -33.27 0.34
C THR A 255 -16.08 -31.92 0.15
N CYS A 256 -15.81 -31.26 -0.97
CA CYS A 256 -16.46 -29.99 -1.25
C CYS A 256 -17.89 -30.23 -1.79
N THR A 257 -18.91 -30.00 -0.94
CA THR A 257 -20.31 -30.19 -1.33
C THR A 257 -20.86 -29.00 -2.08
N GLY A 258 -20.18 -27.86 -1.99
CA GLY A 258 -20.57 -26.64 -2.69
C GLY A 258 -19.56 -25.52 -2.53
N VAL A 259 -19.61 -24.55 -3.46
CA VAL A 259 -18.81 -23.32 -3.49
C VAL A 259 -19.81 -22.16 -3.68
N GLU A 260 -19.82 -21.21 -2.73
CA GLU A 260 -20.76 -20.10 -2.78
C GLU A 260 -20.04 -18.75 -2.62
N MET A 261 -20.26 -17.82 -3.55
CA MET A 261 -19.71 -16.47 -3.50
C MET A 261 -20.89 -15.60 -3.18
N PHE A 262 -20.95 -14.98 -1.98
CA PHE A 262 -22.09 -14.17 -1.53
C PHE A 262 -23.37 -15.04 -1.58
N ARG A 263 -24.35 -14.70 -2.39
CA ARG A 263 -25.56 -15.50 -2.57
C ARG A 263 -25.54 -16.30 -3.91
N LYS A 264 -24.43 -16.22 -4.65
CA LYS A 264 -24.27 -16.87 -5.96
C LYS A 264 -23.63 -18.24 -5.84
N LEU A 265 -24.39 -19.26 -6.21
CA LEU A 265 -24.03 -20.68 -6.23
C LEU A 265 -23.06 -20.92 -7.40
N LEU A 266 -21.89 -21.48 -7.11
CA LEU A 266 -20.84 -21.78 -8.10
C LEU A 266 -20.42 -23.24 -7.98
N ASP A 267 -19.72 -23.74 -8.99
CA ASP A 267 -19.21 -25.12 -8.99
C ASP A 267 -17.68 -25.15 -8.91
N GLU A 268 -17.06 -24.01 -9.18
CA GLU A 268 -15.62 -23.80 -9.21
C GLU A 268 -15.26 -22.67 -8.27
N GLY A 269 -14.06 -22.77 -7.73
CA GLY A 269 -13.43 -21.77 -6.89
C GLY A 269 -12.10 -21.53 -7.54
N ARG A 270 -11.92 -20.39 -8.21
CA ARG A 270 -10.65 -20.06 -8.88
C ARG A 270 -9.74 -19.21 -8.01
N ALA A 271 -8.40 -19.31 -8.25
CA ALA A 271 -7.37 -18.55 -7.53
C ALA A 271 -7.65 -17.05 -7.59
N GLY A 272 -7.57 -16.40 -6.44
CA GLY A 272 -7.82 -14.96 -6.27
C GLY A 272 -9.26 -14.59 -5.99
N GLU A 273 -10.11 -15.60 -5.71
CA GLU A 273 -11.55 -15.41 -5.45
C GLU A 273 -11.92 -15.62 -3.98
N ASN A 274 -12.79 -14.74 -3.46
CA ASN A 274 -13.31 -14.83 -2.10
C ASN A 274 -14.59 -15.62 -2.21
N VAL A 275 -14.54 -16.87 -1.77
CA VAL A 275 -15.62 -17.86 -1.82
C VAL A 275 -16.03 -18.35 -0.41
N GLY A 276 -16.97 -19.29 -0.39
CA GLY A 276 -17.45 -20.01 0.78
C GLY A 276 -17.52 -21.48 0.38
N VAL A 277 -16.64 -22.31 0.96
CA VAL A 277 -16.55 -23.73 0.63
C VAL A 277 -17.30 -24.62 1.65
N LEU A 278 -18.42 -25.19 1.16
CA LEU A 278 -19.31 -26.08 1.89
C LEU A 278 -18.65 -27.46 2.00
N LEU A 279 -18.46 -27.92 3.25
CA LEU A 279 -17.80 -29.20 3.55
C LEU A 279 -18.75 -30.27 4.08
N ARG A 280 -18.45 -31.56 3.81
CA ARG A 280 -19.22 -32.74 4.23
C ARG A 280 -18.73 -33.29 5.58
N GLY A 281 -19.68 -33.52 6.49
CA GLY A 281 -19.43 -34.11 7.80
C GLY A 281 -18.63 -33.28 8.79
N ILE A 282 -17.97 -32.18 8.32
CA ILE A 282 -17.20 -31.25 9.15
C ILE A 282 -18.16 -30.36 9.94
N LYS A 283 -17.82 -30.12 11.22
CA LYS A 283 -18.62 -29.34 12.16
C LYS A 283 -17.89 -28.09 12.57
N ARG A 284 -18.64 -26.97 12.74
CA ARG A 284 -18.16 -25.63 13.14
C ARG A 284 -17.09 -25.64 14.23
N GLU A 285 -17.18 -26.55 15.20
CA GLU A 285 -16.24 -26.63 16.33
C GLU A 285 -14.93 -27.39 16.02
N GLU A 286 -14.84 -28.05 14.86
CA GLU A 286 -13.66 -28.78 14.41
C GLU A 286 -12.77 -27.89 13.51
N ILE A 287 -13.18 -26.61 13.30
CA ILE A 287 -12.44 -25.66 12.47
C ILE A 287 -11.73 -24.64 13.38
N GLU A 288 -10.43 -24.44 13.16
CA GLU A 288 -9.60 -23.59 14.01
C GLU A 288 -8.95 -22.41 13.25
N ARG A 289 -8.64 -21.30 13.96
CA ARG A 289 -7.98 -20.14 13.35
C ARG A 289 -6.56 -20.54 12.91
N GLY A 290 -6.18 -20.19 11.69
CA GLY A 290 -4.88 -20.53 11.12
C GLY A 290 -4.87 -21.77 10.26
N GLN A 291 -5.96 -22.57 10.26
CA GLN A 291 -6.06 -23.78 9.46
C GLN A 291 -6.27 -23.40 8.00
N VAL A 292 -6.00 -24.35 7.07
CA VAL A 292 -6.17 -24.14 5.62
C VAL A 292 -6.98 -25.28 4.96
N LEU A 293 -7.26 -25.09 3.68
CA LEU A 293 -7.95 -26.01 2.79
C LEU A 293 -6.96 -26.25 1.65
N ALA A 294 -6.55 -27.51 1.47
CA ALA A 294 -5.56 -27.89 0.48
C ALA A 294 -5.91 -29.14 -0.30
N LYS A 295 -5.36 -29.27 -1.52
CA LYS A 295 -5.45 -30.45 -2.38
C LYS A 295 -4.70 -31.58 -1.59
N PRO A 296 -5.29 -32.79 -1.36
CA PRO A 296 -4.60 -33.79 -0.50
C PRO A 296 -3.15 -34.12 -0.89
N GLY A 297 -2.28 -34.13 0.12
CA GLY A 297 -0.85 -34.39 -0.02
C GLY A 297 -0.04 -33.29 -0.69
N THR A 298 -0.53 -32.03 -0.70
CA THR A 298 0.20 -30.94 -1.35
C THR A 298 0.84 -29.94 -0.38
N ILE A 299 0.46 -30.01 0.91
CA ILE A 299 0.96 -29.15 2.00
C ILE A 299 0.91 -29.92 3.31
N LYS A 300 2.02 -29.90 4.07
CA LYS A 300 2.16 -30.63 5.34
C LYS A 300 2.25 -29.67 6.55
N PRO A 301 1.78 -30.09 7.76
CA PRO A 301 1.84 -29.17 8.92
C PRO A 301 3.16 -29.28 9.68
N HIS A 302 3.77 -28.12 10.02
CA HIS A 302 5.05 -28.09 10.74
C HIS A 302 5.00 -27.19 11.97
N THR A 303 5.83 -27.49 12.97
CA THR A 303 5.97 -26.72 14.21
C THR A 303 7.36 -26.07 14.28
N LYS A 304 8.39 -26.87 13.93
CA LYS A 304 9.81 -26.48 13.96
C LYS A 304 10.32 -26.12 12.56
N PHE A 305 11.04 -24.98 12.48
CA PHE A 305 11.66 -24.48 11.25
C PHE A 305 12.78 -23.46 11.52
N GLU A 306 13.64 -23.25 10.50
CA GLU A 306 14.72 -22.25 10.49
C GLU A 306 14.13 -21.01 9.93
N SER A 307 14.51 -19.88 10.46
CA SER A 307 13.96 -18.62 9.98
C SER A 307 15.04 -17.59 9.68
N GLU A 308 14.61 -16.49 9.06
CA GLU A 308 15.40 -15.33 8.69
C GLU A 308 14.49 -14.21 9.15
N VAL A 309 14.83 -13.58 10.30
CA VAL A 309 13.96 -12.55 10.84
C VAL A 309 14.62 -11.19 10.87
N TYR A 310 13.78 -10.12 10.75
CA TYR A 310 14.17 -8.72 10.92
C TYR A 310 13.32 -8.13 12.04
N ILE A 311 13.96 -7.73 13.15
CA ILE A 311 13.27 -7.15 14.31
C ILE A 311 13.17 -5.62 14.22
N LEU A 312 11.95 -5.07 14.32
CA LEU A 312 11.70 -3.63 14.25
C LEU A 312 12.47 -2.85 15.33
N SER A 313 12.94 -1.65 14.97
CA SER A 313 13.68 -0.75 15.86
C SER A 313 12.68 0.13 16.62
N LYS A 314 13.15 0.93 17.62
CA LYS A 314 12.32 1.85 18.41
C LYS A 314 11.61 2.87 17.50
N ASP A 315 12.37 3.42 16.51
CA ASP A 315 11.92 4.42 15.52
C ASP A 315 11.12 3.76 14.36
N GLU A 316 10.66 2.51 14.59
CA GLU A 316 9.85 1.71 13.67
C GLU A 316 8.61 1.20 14.43
N GLY A 317 8.51 1.59 15.71
CA GLY A 317 7.39 1.21 16.57
C GLY A 317 7.49 -0.20 17.13
N GLY A 318 8.71 -0.74 17.16
CA GLY A 318 8.99 -2.07 17.70
C GLY A 318 9.43 -2.03 19.15
N ARG A 319 10.16 -3.07 19.59
CA ARG A 319 10.66 -3.22 20.97
C ARG A 319 11.66 -2.13 21.29
N HIS A 320 11.76 -1.73 22.56
CA HIS A 320 12.73 -0.73 22.98
C HIS A 320 13.92 -1.39 23.75
N THR A 321 13.81 -2.71 24.03
CA THR A 321 14.85 -3.51 24.71
C THR A 321 15.17 -4.81 23.91
N PRO A 322 16.31 -5.51 24.18
CA PRO A 322 16.57 -6.78 23.48
C PRO A 322 15.78 -7.98 24.04
N PHE A 323 15.79 -9.10 23.29
CA PHE A 323 15.20 -10.37 23.73
C PHE A 323 16.24 -11.49 23.66
N PHE A 324 16.03 -12.56 24.44
CA PHE A 324 16.95 -13.68 24.64
C PHE A 324 16.30 -15.04 24.24
N LYS A 325 16.98 -16.17 24.58
CA LYS A 325 16.52 -17.54 24.29
C LYS A 325 15.12 -17.87 24.85
N GLY A 326 14.80 -17.29 26.01
CA GLY A 326 13.52 -17.50 26.69
C GLY A 326 12.34 -16.74 26.10
N TYR A 327 12.58 -15.97 25.01
CA TYR A 327 11.55 -15.21 24.30
C TYR A 327 10.56 -16.16 23.67
N ARG A 328 9.26 -15.81 23.80
CA ARG A 328 8.11 -16.59 23.34
C ARG A 328 7.03 -15.70 22.72
N PRO A 329 7.21 -15.24 21.46
CA PRO A 329 6.22 -14.33 20.86
C PRO A 329 5.15 -15.05 20.04
N GLN A 330 4.31 -14.27 19.35
CA GLN A 330 3.27 -14.81 18.47
C GLN A 330 3.79 -14.72 17.03
N PHE A 331 3.35 -15.66 16.17
CA PHE A 331 3.79 -15.69 14.77
C PHE A 331 2.56 -15.66 13.87
N TYR A 332 2.29 -14.50 13.24
CA TYR A 332 1.12 -14.33 12.38
C TYR A 332 1.39 -14.94 11.01
N PHE A 333 0.96 -16.20 10.80
CA PHE A 333 1.27 -16.88 9.55
C PHE A 333 0.42 -16.45 8.35
N ARG A 334 -0.90 -16.52 8.43
CA ARG A 334 -1.74 -16.10 7.32
C ARG A 334 -2.94 -15.35 7.86
N THR A 335 -3.69 -16.02 8.78
CA THR A 335 -4.94 -15.54 9.37
C THR A 335 -4.90 -15.30 10.91
N THR A 336 -3.95 -15.91 11.66
CA THR A 336 -3.90 -15.76 13.12
C THR A 336 -2.48 -15.75 13.75
N ASP A 337 -2.44 -15.50 15.08
CA ASP A 337 -1.28 -15.53 15.95
C ASP A 337 -1.11 -16.94 16.49
N VAL A 338 0.15 -17.44 16.50
CA VAL A 338 0.52 -18.76 17.04
C VAL A 338 1.79 -18.56 17.85
N THR A 339 1.70 -18.79 19.18
CA THR A 339 2.85 -18.65 20.09
C THR A 339 3.97 -19.63 19.69
N GLY A 340 5.21 -19.18 19.83
CA GLY A 340 6.36 -20.01 19.54
C GLY A 340 7.56 -19.74 20.42
N THR A 341 8.35 -20.77 20.70
CA THR A 341 9.61 -20.69 21.44
C THR A 341 10.74 -20.53 20.41
N ILE A 342 11.83 -19.85 20.78
CA ILE A 342 12.94 -19.60 19.84
C ILE A 342 14.28 -20.23 20.27
N GLU A 343 15.09 -20.57 19.25
CA GLU A 343 16.44 -21.11 19.41
C GLU A 343 17.38 -20.19 18.60
N LEU A 344 18.26 -19.47 19.32
CA LEU A 344 19.19 -18.53 18.75
C LEU A 344 20.47 -19.18 18.22
N PRO A 345 21.15 -18.63 17.20
CA PRO A 345 22.37 -19.29 16.65
C PRO A 345 23.50 -19.33 17.68
N GLU A 346 24.44 -20.30 17.56
CA GLU A 346 25.58 -20.42 18.47
C GLU A 346 26.41 -19.14 18.41
N GLY A 347 26.69 -18.57 19.57
CA GLY A 347 27.43 -17.32 19.67
C GLY A 347 26.52 -16.11 19.65
N VAL A 348 25.20 -16.31 19.39
CA VAL A 348 24.17 -15.26 19.39
C VAL A 348 23.58 -15.29 20.78
N GLU A 349 23.88 -14.22 21.51
CA GLU A 349 23.52 -14.03 22.91
C GLU A 349 22.17 -13.37 23.08
N MET A 350 21.85 -12.33 22.26
CA MET A 350 20.58 -11.61 22.32
C MET A 350 20.26 -10.96 20.99
N VAL A 351 19.02 -10.46 20.84
CA VAL A 351 18.58 -9.79 19.64
C VAL A 351 18.15 -8.38 20.01
N MET A 352 18.85 -7.38 19.48
CA MET A 352 18.57 -5.96 19.72
C MET A 352 17.43 -5.49 18.79
N PRO A 353 16.69 -4.41 19.11
CA PRO A 353 15.69 -3.94 18.14
C PRO A 353 16.45 -3.41 16.91
N GLY A 354 15.91 -3.66 15.72
CA GLY A 354 16.53 -3.29 14.48
C GLY A 354 17.50 -4.33 13.94
N ASP A 355 17.61 -5.49 14.62
CA ASP A 355 18.51 -6.58 14.23
C ASP A 355 17.96 -7.52 13.16
N ASN A 356 18.87 -8.27 12.54
CA ASN A 356 18.58 -9.29 11.53
C ASN A 356 19.38 -10.56 11.86
N ILE A 357 18.67 -11.62 12.26
CA ILE A 357 19.32 -12.91 12.57
C ILE A 357 18.50 -14.09 12.07
N LYS A 358 19.14 -15.27 12.05
CA LYS A 358 18.52 -16.55 11.76
C LYS A 358 18.07 -17.08 13.11
N MET A 359 17.02 -17.89 13.15
CA MET A 359 16.43 -18.35 14.41
C MET A 359 15.64 -19.63 14.17
N VAL A 360 15.69 -20.61 15.09
CA VAL A 360 14.86 -21.81 14.94
C VAL A 360 13.58 -21.56 15.75
N VAL A 361 12.41 -21.55 15.08
CA VAL A 361 11.10 -21.33 15.69
C VAL A 361 10.41 -22.69 15.99
N THR A 362 9.79 -22.83 17.17
CA THR A 362 9.06 -24.02 17.59
C THR A 362 7.68 -23.56 18.03
N LEU A 363 6.69 -23.76 17.13
CA LEU A 363 5.29 -23.35 17.37
C LEU A 363 4.58 -24.29 18.33
N ILE A 364 3.60 -23.74 19.07
CA ILE A 364 2.73 -24.48 20.00
C ILE A 364 1.80 -25.39 19.17
N HIS A 365 1.19 -24.86 18.10
CA HIS A 365 0.31 -25.58 17.17
C HIS A 365 0.99 -25.70 15.80
N PRO A 366 0.80 -26.82 15.04
CA PRO A 366 1.38 -26.88 13.70
C PRO A 366 0.57 -26.03 12.73
N ILE A 367 1.30 -25.41 11.77
CA ILE A 367 0.77 -24.55 10.73
C ILE A 367 1.18 -25.23 9.41
N ALA A 368 0.32 -25.15 8.37
CA ALA A 368 0.62 -25.68 7.04
C ALA A 368 1.80 -24.83 6.52
N MET A 369 2.87 -25.50 6.12
CA MET A 369 4.10 -24.83 5.80
C MET A 369 4.89 -25.46 4.70
N ASP A 370 5.70 -24.62 4.06
CA ASP A 370 6.68 -24.87 3.03
C ASP A 370 7.59 -23.63 3.08
N ASP A 371 8.84 -23.79 2.63
CA ASP A 371 9.82 -22.73 2.55
C ASP A 371 9.27 -21.54 1.77
N GLY A 372 9.68 -20.34 2.17
CA GLY A 372 9.24 -19.11 1.53
C GLY A 372 8.06 -18.41 2.18
N LEU A 373 7.28 -19.13 2.98
CA LEU A 373 6.13 -18.57 3.69
C LEU A 373 6.57 -17.49 4.68
N ARG A 374 5.88 -16.35 4.64
CA ARG A 374 6.18 -15.19 5.48
C ARG A 374 5.27 -15.16 6.70
N PHE A 375 5.76 -14.47 7.72
CA PHE A 375 5.06 -14.26 8.96
C PHE A 375 5.46 -12.94 9.58
N ALA A 376 4.69 -12.51 10.56
CA ALA A 376 4.97 -11.31 11.31
C ALA A 376 5.14 -11.79 12.75
N ILE A 377 6.07 -11.19 13.47
CA ILE A 377 6.31 -11.53 14.86
C ILE A 377 5.59 -10.48 15.67
N ARG A 378 4.82 -10.94 16.66
CA ARG A 378 4.00 -10.01 17.43
C ARG A 378 4.16 -10.20 18.94
N GLU A 379 3.61 -9.24 19.67
CA GLU A 379 3.66 -9.14 21.09
C GLU A 379 2.40 -8.36 21.46
N GLY A 380 1.42 -9.05 22.02
CA GLY A 380 0.13 -8.50 22.44
C GLY A 380 -0.60 -7.71 21.37
N GLY A 381 -0.69 -8.28 20.17
CA GLY A 381 -1.38 -7.68 19.04
C GLY A 381 -0.66 -6.55 18.34
N ARG A 382 0.62 -6.35 18.58
CA ARG A 382 1.29 -5.32 17.81
C ARG A 382 2.45 -6.01 17.14
N VAL A 384 6.14 -6.64 16.03
CA VAL A 384 7.47 -6.31 16.58
C VAL A 384 8.59 -6.77 15.66
N GLY A 385 8.23 -7.44 14.56
CA GLY A 385 9.19 -7.96 13.60
C GLY A 385 8.54 -8.67 12.45
N ALA A 386 9.36 -9.36 11.63
CA ALA A 386 8.93 -10.09 10.43
C ALA A 386 9.93 -11.20 10.10
N GLY A 387 9.45 -12.29 9.50
CA GLY A 387 10.30 -13.40 9.09
C GLY A 387 9.91 -14.12 7.81
N VAL A 388 10.76 -15.09 7.39
CA VAL A 388 10.59 -15.98 6.22
C VAL A 388 10.90 -17.40 6.73
N VAL A 389 10.23 -18.43 6.15
CA VAL A 389 10.50 -19.83 6.53
C VAL A 389 11.67 -20.31 5.65
N ALA A 390 12.91 -20.35 6.21
CA ALA A 390 14.09 -20.71 5.43
C ALA A 390 14.14 -22.19 5.11
N LYS A 391 13.91 -23.04 6.11
CA LYS A 391 13.91 -24.48 5.97
C LYS A 391 12.96 -25.05 7.01
N VAL A 392 11.96 -25.88 6.56
CA VAL A 392 11.04 -26.60 7.43
C VAL A 392 11.81 -27.81 8.02
N LEU A 393 11.54 -28.19 9.29
CA LEU A 393 12.27 -29.30 9.95
C LEU A 393 11.37 -30.46 10.37
N GLU B 7 2.11 10.68 19.19
CA GLU B 7 1.42 11.78 19.87
C GLU B 7 -0.06 11.83 19.42
N ARG B 8 -0.72 13.00 19.59
CA ARG B 8 -2.14 13.22 19.30
C ARG B 8 -2.58 13.01 17.85
N THR B 9 -1.74 13.31 16.87
CA THR B 9 -2.20 13.16 15.48
C THR B 9 -1.39 12.19 14.63
N LYS B 10 -2.00 11.73 13.52
CA LYS B 10 -1.39 10.81 12.55
C LYS B 10 -0.22 11.46 11.81
N VAL B 13 -0.79 10.79 7.32
CA VAL B 13 -1.35 11.84 6.47
C VAL B 13 -2.29 12.76 7.25
N ASN B 14 -1.75 13.94 7.58
CA ASN B 14 -2.48 14.94 8.33
C ASN B 14 -2.61 16.26 7.55
N VAL B 15 -1.50 16.79 7.04
CA VAL B 15 -1.48 18.11 6.36
C VAL B 15 -0.75 18.04 4.99
N GLY B 16 -0.88 19.13 4.24
CA GLY B 16 -0.25 19.37 2.95
C GLY B 16 -0.18 20.82 2.57
N THR B 17 0.69 21.16 1.62
CA THR B 17 0.81 22.52 1.08
C THR B 17 0.14 22.58 -0.29
N ILE B 18 -0.90 23.41 -0.39
CA ILE B 18 -1.66 23.66 -1.59
C ILE B 18 -1.33 25.13 -2.02
N GLY B 19 -1.56 25.47 -3.29
CA GLY B 19 -1.30 26.81 -3.82
C GLY B 19 -0.74 26.82 -5.21
N HIS B 20 -0.67 27.99 -5.87
CA HIS B 20 -0.12 28.11 -7.24
C HIS B 20 1.36 27.69 -7.30
N VAL B 21 1.85 27.28 -8.51
CA VAL B 21 3.24 26.85 -8.66
C VAL B 21 4.21 28.02 -8.39
N ASP B 22 5.36 27.71 -7.75
CA ASP B 22 6.45 28.64 -7.38
C ASP B 22 5.98 29.75 -6.42
N HIS B 23 4.96 29.46 -5.59
CA HIS B 23 4.45 30.41 -4.59
C HIS B 23 5.19 30.28 -3.25
N GLY B 24 5.93 29.19 -3.08
CA GLY B 24 6.75 28.92 -1.88
C GLY B 24 6.32 27.74 -1.02
N LYS B 25 5.60 26.76 -1.62
CA LYS B 25 5.13 25.56 -0.91
C LYS B 25 6.29 24.76 -0.37
N THR B 26 7.25 24.37 -1.24
CA THR B 26 8.43 23.58 -0.86
C THR B 26 9.24 24.29 0.21
N THR B 27 9.47 25.62 0.05
CA THR B 27 10.20 26.49 0.97
C THR B 27 9.49 26.52 2.32
N LEU B 28 8.15 26.66 2.32
CA LEU B 28 7.37 26.63 3.55
C LEU B 28 7.48 25.27 4.24
N THR B 29 7.31 24.16 3.48
CA THR B 29 7.42 22.79 3.97
C THR B 29 8.75 22.63 4.70
N ALA B 30 9.84 23.15 4.09
CA ALA B 30 11.21 23.13 4.60
C ALA B 30 11.42 24.09 5.79
N ALA B 31 10.65 25.19 5.86
CA ALA B 31 10.72 26.17 6.95
C ALA B 31 10.05 25.61 8.16
N ILE B 32 8.96 24.84 7.98
CA ILE B 32 8.26 24.23 9.11
C ILE B 32 9.19 23.22 9.78
N THR B 33 9.82 22.34 8.99
CA THR B 33 10.75 21.32 9.51
C THR B 33 11.87 21.95 10.35
N THR B 34 12.51 23.01 9.80
CA THR B 34 13.65 23.74 10.37
C THR B 34 13.30 24.57 11.63
N VAL B 35 12.18 25.33 11.63
CA VAL B 35 11.85 26.15 12.82
C VAL B 35 11.38 25.23 13.97
N LEU B 36 10.60 24.19 13.63
CA LEU B 36 10.10 23.21 14.59
C LEU B 36 11.22 22.30 15.12
N ALA B 37 12.31 22.06 14.35
CA ALA B 37 13.44 21.26 14.83
C ALA B 37 14.37 22.11 15.66
N LYS B 38 14.34 23.41 15.46
CA LYS B 38 15.18 24.38 16.17
C LYS B 38 14.60 24.66 17.57
N THR B 39 13.31 25.10 17.63
CA THR B 39 12.59 25.48 18.85
C THR B 39 12.40 24.28 19.75
N TYR B 40 11.69 23.27 19.24
CA TYR B 40 11.41 21.99 19.90
C TYR B 40 12.35 21.02 19.18
N GLY B 41 12.48 19.78 19.65
CA GLY B 41 13.34 18.81 18.98
C GLY B 41 12.91 18.39 17.58
N GLY B 42 13.73 17.59 16.90
CA GLY B 42 13.41 17.10 15.57
C GLY B 42 14.49 17.17 14.52
N ALA B 43 14.09 16.91 13.26
CA ALA B 43 14.95 16.90 12.09
C ALA B 43 14.53 17.89 11.00
N ALA B 44 15.39 18.89 10.75
CA ALA B 44 15.20 19.88 9.70
C ALA B 44 15.48 19.17 8.36
N ARG B 45 14.68 19.48 7.30
CA ARG B 45 14.85 18.83 6.00
C ARG B 45 15.19 19.78 4.86
N PHE B 47 14.75 22.75 1.35
CA PHE B 47 14.15 22.85 0.02
C PHE B 47 14.80 21.88 -0.96
N ASP B 48 16.12 21.68 -0.85
CA ASP B 48 16.91 20.79 -1.73
C ASP B 48 16.35 19.37 -1.77
N GLN B 49 16.06 18.80 -0.58
CA GLN B 49 15.54 17.45 -0.37
C GLN B 49 14.07 17.26 -0.73
N ILE B 50 13.23 18.27 -0.44
CA ILE B 50 11.77 18.26 -0.63
C ILE B 50 11.37 18.55 -2.10
N ASP B 51 12.22 19.28 -2.85
CA ASP B 51 11.96 19.61 -4.27
C ASP B 51 12.06 18.35 -5.12
N ASN B 52 12.97 17.43 -4.72
CA ASN B 52 13.24 16.15 -5.36
C ASN B 52 12.19 15.10 -4.91
N ALA B 53 10.93 15.31 -5.32
CA ALA B 53 9.80 14.46 -5.01
C ALA B 53 9.70 13.29 -6.01
N PRO B 54 9.64 12.02 -5.54
CA PRO B 54 9.57 10.88 -6.48
C PRO B 54 8.16 10.41 -6.83
N GLU B 55 8.04 9.31 -7.60
CA GLU B 55 6.78 8.68 -8.00
C GLU B 55 6.16 7.92 -6.80
N ILE B 61 -2.14 4.79 -11.17
CA ILE B 61 -1.84 6.21 -11.30
C ILE B 61 -0.48 6.54 -10.69
N THR B 62 0.32 7.37 -11.38
CA THR B 62 1.65 7.80 -10.92
C THR B 62 1.66 9.30 -10.56
N ILE B 63 2.05 9.58 -9.30
CA ILE B 63 2.09 10.92 -8.71
C ILE B 63 3.47 11.21 -8.08
N ASN B 64 3.95 12.45 -8.23
CA ASN B 64 5.19 12.93 -7.63
C ASN B 64 4.82 13.58 -6.29
N THR B 65 5.33 13.03 -5.17
CA THR B 65 4.99 13.54 -3.83
C THR B 65 6.12 13.39 -2.81
N SER B 66 6.33 14.45 -2.03
CA SER B 66 7.25 14.55 -0.92
C SER B 66 6.46 14.44 0.39
N HIS B 67 6.75 13.40 1.18
CA HIS B 67 6.15 13.17 2.50
C HIS B 67 7.21 13.53 3.55
N VAL B 68 6.89 14.53 4.37
CA VAL B 68 7.76 15.01 5.43
C VAL B 68 7.03 14.91 6.78
N GLU B 69 7.71 14.44 7.83
CA GLU B 69 7.13 14.31 9.16
C GLU B 69 7.66 15.42 10.07
N TYR B 70 6.85 15.85 11.07
CA TYR B 70 7.23 16.89 12.03
C TYR B 70 6.26 16.99 13.22
N ASP B 71 6.84 17.09 14.41
CA ASP B 71 6.12 17.20 15.64
C ASP B 71 6.04 18.63 16.15
N THR B 72 4.97 18.90 16.92
CA THR B 72 4.74 20.09 17.73
C THR B 72 4.67 19.47 19.12
N PRO B 73 4.74 20.21 20.26
CA PRO B 73 4.73 19.53 21.57
C PRO B 73 3.57 18.56 21.84
N THR B 74 2.42 18.80 21.22
CA THR B 74 1.22 18.00 21.38
C THR B 74 0.88 17.11 20.18
N ARG B 75 1.01 17.64 18.95
CA ARG B 75 0.66 16.93 17.72
C ARG B 75 1.83 16.47 16.87
N HIS B 76 1.62 15.42 16.05
CA HIS B 76 2.58 14.87 15.08
C HIS B 76 1.94 15.02 13.71
N TYR B 77 2.68 15.57 12.76
CA TYR B 77 2.20 15.86 11.42
C TYR B 77 2.89 15.14 10.30
N ALA B 78 2.10 14.45 9.50
CA ALA B 78 2.57 13.83 8.27
C ALA B 78 2.11 14.82 7.20
N HIS B 79 3.08 15.58 6.69
CA HIS B 79 2.91 16.67 5.74
C HIS B 79 3.26 16.23 4.32
N VAL B 80 2.36 16.55 3.37
CA VAL B 80 2.51 16.23 1.94
C VAL B 80 2.87 17.48 1.11
N ASP B 81 3.70 17.29 0.09
CA ASP B 81 4.12 18.36 -0.81
C ASP B 81 4.35 17.77 -2.22
N CYS B 82 3.80 18.39 -3.26
CA CYS B 82 3.97 17.90 -4.63
C CYS B 82 4.66 18.94 -5.51
N PRO B 83 5.52 18.53 -6.50
CA PRO B 83 6.16 19.54 -7.36
C PRO B 83 5.20 20.25 -8.32
N GLY B 84 4.48 19.48 -9.14
CA GLY B 84 3.55 20.04 -10.11
C GLY B 84 2.10 20.03 -9.70
N HIS B 85 1.30 20.97 -10.25
CA HIS B 85 -0.14 21.10 -10.01
C HIS B 85 -0.89 19.79 -10.31
N ALA B 86 -0.51 19.08 -11.39
CA ALA B 86 -1.08 17.79 -11.82
C ALA B 86 -1.08 16.74 -10.68
N ASP B 87 -0.04 16.79 -9.82
CA ASP B 87 0.11 15.88 -8.68
C ASP B 87 -0.91 16.21 -7.59
N TYR B 88 -1.26 17.50 -7.47
CA TYR B 88 -2.25 17.96 -6.52
C TYR B 88 -3.66 17.64 -6.99
N VAL B 89 -3.83 17.48 -8.29
CA VAL B 89 -5.14 17.10 -8.83
C VAL B 89 -5.33 15.60 -8.54
N LYS B 90 -4.26 14.84 -8.82
CA LYS B 90 -4.17 13.40 -8.64
C LYS B 90 -4.30 12.99 -7.18
N ASN B 91 -3.50 13.56 -6.27
CA ASN B 91 -3.54 13.24 -4.83
C ASN B 91 -4.86 13.58 -4.16
N MET B 92 -5.57 14.60 -4.66
CA MET B 92 -6.86 15.03 -4.12
C MET B 92 -8.02 14.16 -4.56
N ILE B 93 -8.09 13.74 -5.85
CA ILE B 93 -9.16 12.86 -6.36
C ILE B 93 -8.93 11.42 -5.87
N THR B 94 -7.72 10.87 -6.09
CA THR B 94 -7.39 9.55 -5.55
C THR B 94 -7.05 9.80 -4.06
N GLY B 95 -7.52 8.93 -3.17
CA GLY B 95 -7.35 9.06 -1.73
C GLY B 95 -5.97 9.31 -1.14
N ALA B 96 -4.92 9.22 -1.98
CA ALA B 96 -3.50 9.35 -1.68
C ALA B 96 -3.09 10.44 -0.65
N ALA B 97 -3.61 11.68 -0.76
CA ALA B 97 -3.21 12.77 0.15
C ALA B 97 -3.73 12.62 1.58
N GLN B 98 -5.04 12.26 1.74
CA GLN B 98 -5.73 12.02 3.01
C GLN B 98 -5.63 13.19 4.04
N MET B 99 -5.62 14.44 3.53
CA MET B 99 -5.55 15.69 4.31
C MET B 99 -6.71 15.90 5.25
N ASP B 100 -6.39 16.25 6.50
CA ASP B 100 -7.34 16.58 7.59
C ASP B 100 -7.44 18.11 7.67
N GLY B 101 -6.52 18.77 6.97
CA GLY B 101 -6.34 20.21 6.85
C GLY B 101 -5.28 20.53 5.81
N ALA B 102 -5.31 21.74 5.29
CA ALA B 102 -4.33 22.14 4.27
C ALA B 102 -3.74 23.51 4.55
N ILE B 103 -2.61 23.81 3.89
CA ILE B 103 -1.92 25.08 4.02
C ILE B 103 -1.86 25.70 2.64
N LEU B 104 -2.68 26.73 2.41
CA LEU B 104 -2.74 27.43 1.14
C LEU B 104 -1.66 28.49 1.12
N VAL B 105 -0.61 28.26 0.33
CA VAL B 105 0.53 29.16 0.17
C VAL B 105 0.17 30.15 -0.94
N VAL B 106 0.16 31.43 -0.62
CA VAL B 106 -0.17 32.51 -1.56
C VAL B 106 0.93 33.56 -1.43
N ALA B 107 1.59 33.89 -2.56
CA ALA B 107 2.66 34.88 -2.63
C ALA B 107 1.99 36.26 -2.76
N ALA B 108 2.27 37.16 -1.79
CA ALA B 108 1.73 38.52 -1.73
C ALA B 108 2.08 39.36 -2.97
N THR B 109 3.16 38.98 -3.67
CA THR B 109 3.67 39.63 -4.88
C THR B 109 2.76 39.43 -6.09
N ASP B 110 2.25 38.21 -6.29
CA ASP B 110 1.38 37.83 -7.42
C ASP B 110 -0.09 37.80 -7.04
N GLY B 111 -0.37 37.37 -5.80
CA GLY B 111 -1.71 37.25 -5.24
C GLY B 111 -2.33 35.90 -5.55
N PRO B 112 -3.66 35.72 -5.37
CA PRO B 112 -4.28 34.43 -5.74
C PRO B 112 -4.17 34.24 -7.25
N MET B 113 -3.88 33.02 -7.70
CA MET B 113 -3.66 32.70 -9.11
C MET B 113 -4.54 31.52 -9.60
N PRO B 114 -4.64 31.17 -10.93
CA PRO B 114 -5.53 30.08 -11.36
C PRO B 114 -5.37 28.73 -10.63
N GLN B 115 -4.12 28.30 -10.27
CA GLN B 115 -3.91 27.05 -9.52
C GLN B 115 -4.34 27.22 -8.06
N THR B 116 -4.33 28.46 -7.53
CA THR B 116 -4.79 28.75 -6.18
C THR B 116 -6.29 28.42 -6.13
N ARG B 117 -7.07 28.91 -7.13
CA ARG B 117 -8.50 28.67 -7.30
C ARG B 117 -8.81 27.18 -7.58
N GLU B 118 -8.03 26.51 -8.46
CA GLU B 118 -8.20 25.08 -8.79
C GLU B 118 -8.06 24.22 -7.53
N HIS B 119 -7.18 24.63 -6.61
CA HIS B 119 -6.89 23.95 -5.34
C HIS B 119 -7.96 24.12 -4.28
N ILE B 120 -8.62 25.30 -4.20
CA ILE B 120 -9.72 25.60 -3.24
C ILE B 120 -11.03 24.92 -3.70
N LEU B 121 -11.22 24.80 -5.05
CA LEU B 121 -12.34 24.11 -5.69
C LEU B 121 -12.13 22.64 -5.45
N LEU B 122 -10.91 22.12 -5.76
CA LEU B 122 -10.63 20.70 -5.50
C LEU B 122 -10.58 20.40 -4.03
N GLY B 123 -10.25 21.40 -3.20
CA GLY B 123 -10.30 21.31 -1.75
C GLY B 123 -11.73 21.03 -1.34
N ARG B 124 -12.67 21.93 -1.75
CA ARG B 124 -14.10 21.82 -1.50
C ARG B 124 -14.66 20.44 -1.89
N GLN B 125 -14.69 20.14 -3.20
CA GLN B 125 -15.17 18.90 -3.83
C GLN B 125 -14.70 17.59 -3.17
N VAL B 126 -13.39 17.43 -2.91
CA VAL B 126 -12.85 16.21 -2.31
C VAL B 126 -13.08 16.15 -0.78
N GLY B 127 -13.64 17.22 -0.21
CA GLY B 127 -13.97 17.33 1.20
C GLY B 127 -12.81 17.59 2.14
N VAL B 128 -11.95 18.58 1.81
CA VAL B 128 -10.83 18.98 2.68
C VAL B 128 -11.52 19.78 3.78
N PRO B 129 -11.38 19.39 5.07
CA PRO B 129 -12.15 20.06 6.12
C PRO B 129 -11.73 21.49 6.41
N TYR B 130 -10.40 21.72 6.58
CA TYR B 130 -9.87 23.04 6.92
C TYR B 130 -8.72 23.54 6.03
N ILE B 131 -8.65 24.85 5.85
CA ILE B 131 -7.58 25.51 5.12
C ILE B 131 -7.08 26.70 5.95
N ILE B 132 -5.76 26.82 6.13
CA ILE B 132 -5.07 27.93 6.77
C ILE B 132 -4.22 28.54 5.67
N VAL B 133 -4.13 29.87 5.61
CA VAL B 133 -3.38 30.57 4.57
C VAL B 133 -2.01 31.08 5.06
N PHE B 134 -0.94 30.67 4.36
CA PHE B 134 0.37 31.23 4.62
C PHE B 134 0.63 32.23 3.49
N LEU B 135 0.69 33.52 3.84
CA LEU B 135 0.89 34.65 2.93
C LEU B 135 2.38 34.88 2.81
N ASN B 136 2.95 34.31 1.75
CA ASN B 136 4.38 34.27 1.47
C ASN B 136 4.95 35.48 0.71
N LYS B 137 6.31 35.56 0.70
CA LYS B 137 7.17 36.55 0.03
C LYS B 137 6.93 37.98 0.52
N CYS B 138 6.69 38.11 1.84
CA CYS B 138 6.44 39.41 2.49
C CYS B 138 7.74 40.24 2.69
N ASP B 139 8.90 39.62 2.41
CA ASP B 139 10.21 40.27 2.41
C ASP B 139 10.39 41.08 1.09
N MET B 140 9.43 40.95 0.15
CA MET B 140 9.41 41.62 -1.14
C MET B 140 8.30 42.67 -1.22
N VAL B 141 7.47 42.79 -0.17
CA VAL B 141 6.37 43.76 -0.16
C VAL B 141 6.57 44.81 0.95
N ASP B 142 6.46 46.11 0.58
CA ASP B 142 6.60 47.25 1.49
C ASP B 142 5.26 47.87 1.89
N ASP B 143 4.32 48.04 0.93
CA ASP B 143 3.00 48.61 1.18
C ASP B 143 2.07 47.61 1.89
N GLU B 144 1.72 47.88 3.16
CA GLU B 144 0.84 46.99 3.94
C GLU B 144 -0.59 46.96 3.37
N GLU B 145 -0.99 48.03 2.64
CA GLU B 145 -2.28 48.16 1.95
C GLU B 145 -2.39 47.12 0.83
N LEU B 146 -1.25 46.55 0.40
CA LEU B 146 -1.17 45.49 -0.61
C LEU B 146 -1.41 44.17 0.11
N LEU B 147 -0.88 44.03 1.36
CA LEU B 147 -1.09 42.83 2.18
C LEU B 147 -2.56 42.74 2.61
N GLU B 148 -3.17 43.89 2.96
CA GLU B 148 -4.58 44.01 3.32
C GLU B 148 -5.43 43.64 2.10
N LEU B 149 -4.92 43.96 0.88
CA LEU B 149 -5.55 43.67 -0.41
C LEU B 149 -5.55 42.16 -0.76
N VAL B 150 -4.37 41.50 -0.68
CA VAL B 150 -4.24 40.05 -0.95
C VAL B 150 -5.07 39.26 0.05
N GLU B 151 -5.01 39.66 1.35
CA GLU B 151 -5.80 39.02 2.41
C GLU B 151 -7.30 39.04 2.09
N MET B 152 -7.83 40.20 1.65
CA MET B 152 -9.21 40.39 1.22
C MET B 152 -9.51 39.56 -0.04
N GLU B 153 -8.51 39.43 -0.94
CA GLU B 153 -8.59 38.64 -2.17
C GLU B 153 -8.74 37.14 -1.83
N VAL B 154 -7.88 36.59 -0.95
CA VAL B 154 -7.92 35.16 -0.58
C VAL B 154 -9.15 34.83 0.29
N ARG B 155 -9.54 35.73 1.23
CA ARG B 155 -10.71 35.54 2.08
C ARG B 155 -11.98 35.43 1.24
N GLU B 156 -12.07 36.24 0.18
CA GLU B 156 -13.18 36.22 -0.77
C GLU B 156 -13.12 34.96 -1.65
N LEU B 157 -11.90 34.48 -1.92
CA LEU B 157 -11.65 33.30 -2.76
C LEU B 157 -12.07 32.04 -2.01
N LEU B 158 -11.69 31.93 -0.72
CA LEU B 158 -12.06 30.84 0.19
C LEU B 158 -13.58 30.75 0.36
N SER B 159 -14.23 31.88 0.72
CA SER B 159 -15.69 31.98 0.90
C SER B 159 -16.48 31.55 -0.34
N GLN B 160 -15.96 31.85 -1.54
CA GLN B 160 -16.56 31.51 -2.83
C GLN B 160 -16.80 30.00 -2.95
N TYR B 161 -15.91 29.20 -2.33
CA TYR B 161 -15.93 27.74 -2.30
C TYR B 161 -16.29 27.20 -0.91
N ASP B 162 -17.33 27.84 -0.28
CA ASP B 162 -17.91 27.51 1.02
C ASP B 162 -16.94 27.47 2.25
N PHE B 163 -15.63 27.81 2.10
CA PHE B 163 -14.72 27.79 3.25
C PHE B 163 -14.95 29.02 4.11
N PRO B 164 -14.70 28.97 5.45
CA PRO B 164 -14.94 30.17 6.28
C PRO B 164 -13.88 31.28 6.14
N GLY B 165 -13.86 31.92 4.97
CA GLY B 165 -12.94 32.98 4.60
C GLY B 165 -12.57 33.95 5.70
N ASP B 166 -13.57 34.56 6.35
CA ASP B 166 -13.35 35.54 7.42
C ASP B 166 -12.80 34.92 8.71
N ASP B 167 -13.21 33.69 9.03
CA ASP B 167 -12.77 32.96 10.23
C ASP B 167 -11.50 32.11 9.95
N THR B 168 -10.95 32.21 8.72
CA THR B 168 -9.74 31.49 8.32
C THR B 168 -8.48 32.22 8.83
N PRO B 169 -7.55 31.50 9.51
CA PRO B 169 -6.33 32.16 9.98
C PRO B 169 -5.34 32.36 8.85
N ILE B 170 -5.01 33.64 8.54
CA ILE B 170 -4.02 33.99 7.53
C ILE B 170 -2.76 34.48 8.24
N VAL B 171 -1.60 33.98 7.82
CA VAL B 171 -0.30 34.31 8.40
C VAL B 171 0.61 35.05 7.38
N ARG B 172 0.97 36.31 7.66
CA ARG B 172 1.91 37.07 6.82
C ARG B 172 3.32 36.58 7.18
N GLY B 173 4.07 36.10 6.18
CA GLY B 173 5.42 35.60 6.41
C GLY B 173 6.32 35.52 5.20
N SER B 174 7.57 35.12 5.44
CA SER B 174 8.61 34.88 4.45
C SER B 174 9.27 33.53 4.78
N ALA B 175 8.85 32.49 4.02
CA ALA B 175 9.30 31.10 4.17
C ALA B 175 10.80 30.91 3.94
N LEU B 176 11.40 31.77 3.08
CA LEU B 176 12.81 31.78 2.72
C LEU B 176 13.69 32.32 3.85
N LYS B 177 13.43 33.59 4.30
CA LYS B 177 14.21 34.20 5.38
C LYS B 177 14.14 33.40 6.69
N ALA B 178 13.03 32.67 6.95
CA ALA B 178 12.84 31.80 8.11
C ALA B 178 13.80 30.61 8.01
N LEU B 179 13.86 29.98 6.80
CA LEU B 179 14.73 28.85 6.46
C LEU B 179 16.20 29.32 6.57
N GLU B 180 16.47 30.57 6.13
CA GLU B 180 17.77 31.23 6.19
C GLU B 180 18.20 31.56 7.63
N GLY B 181 17.24 31.60 8.56
CA GLY B 181 17.49 31.81 9.99
C GLY B 181 17.16 33.18 10.56
N ASP B 182 16.41 34.01 9.82
CA ASP B 182 15.98 35.36 10.24
C ASP B 182 14.89 35.17 11.30
N ALA B 183 15.23 35.54 12.56
CA ALA B 183 14.41 35.40 13.77
C ALA B 183 12.99 35.94 13.64
N GLU B 184 12.83 37.17 13.12
CA GLU B 184 11.51 37.78 12.94
C GLU B 184 10.60 36.93 12.02
N TRP B 185 11.20 36.19 11.06
CA TRP B 185 10.46 35.34 10.13
C TRP B 185 10.30 33.92 10.64
N GLU B 186 11.16 33.48 11.59
CA GLU B 186 11.06 32.15 12.19
C GLU B 186 9.81 32.08 13.06
N ALA B 187 9.58 33.12 13.91
CA ALA B 187 8.42 33.24 14.79
C ALA B 187 7.09 33.35 14.03
N LYS B 188 7.16 33.63 12.71
CA LYS B 188 6.00 33.71 11.83
C LYS B 188 5.65 32.33 11.30
N ILE B 189 6.58 31.35 11.43
CA ILE B 189 6.38 29.95 11.08
C ILE B 189 5.75 29.28 12.32
N LEU B 190 6.21 29.73 13.51
CA LEU B 190 5.71 29.31 14.82
C LEU B 190 4.24 29.71 14.97
N GLU B 191 3.86 30.90 14.46
CA GLU B 191 2.47 31.35 14.44
C GLU B 191 1.63 30.36 13.60
N LEU B 192 2.15 29.98 12.40
CA LEU B 192 1.47 29.00 11.53
C LEU B 192 1.29 27.63 12.17
N ALA B 193 2.36 27.07 12.80
CA ALA B 193 2.32 25.76 13.44
C ALA B 193 1.38 25.71 14.64
N GLY B 194 1.14 26.87 15.25
CA GLY B 194 0.21 27.05 16.36
C GLY B 194 -1.21 26.97 15.86
N PHE B 195 -1.45 27.50 14.66
CA PHE B 195 -2.76 27.48 14.03
C PHE B 195 -3.11 26.08 13.60
N LEU B 196 -2.10 25.23 13.24
CA LEU B 196 -2.37 23.82 12.89
C LEU B 196 -2.81 23.07 14.17
N ASP B 197 -2.23 23.45 15.33
CA ASP B 197 -2.53 22.88 16.64
C ASP B 197 -3.91 23.32 17.14
N SER B 198 -4.23 24.63 17.01
CA SER B 198 -5.45 25.26 17.49
C SER B 198 -6.64 25.25 16.54
N TYR B 199 -6.42 25.52 15.24
CA TYR B 199 -7.51 25.63 14.27
C TYR B 199 -8.04 24.28 13.81
N ILE B 200 -7.15 23.35 13.37
CA ILE B 200 -7.56 22.00 12.94
C ILE B 200 -7.79 21.17 14.19
N PRO B 201 -9.03 20.69 14.46
CA PRO B 201 -9.26 19.88 15.66
C PRO B 201 -8.62 18.50 15.53
N GLU B 202 -8.56 17.71 16.63
CA GLU B 202 -8.01 16.36 16.59
C GLU B 202 -8.92 15.58 15.66
N PRO B 203 -8.42 15.05 14.52
CA PRO B 203 -9.32 14.37 13.56
C PRO B 203 -9.92 13.09 14.16
N GLU B 204 -11.25 13.15 14.44
CA GLU B 204 -12.09 12.14 15.07
C GLU B 204 -11.76 10.72 14.66
N ARG B 205 -11.63 9.83 15.65
CA ARG B 205 -11.33 8.42 15.44
C ARG B 205 -12.59 7.70 14.93
N ALA B 206 -12.41 6.61 14.16
CA ALA B 206 -13.49 5.81 13.60
C ALA B 206 -14.44 5.25 14.66
N ILE B 207 -13.91 4.82 15.82
CA ILE B 207 -14.69 4.30 16.95
C ILE B 207 -15.75 5.30 17.42
N ASP B 208 -15.45 6.60 17.31
CA ASP B 208 -16.36 7.65 17.75
C ASP B 208 -17.36 8.10 16.66
N LYS B 209 -17.07 7.81 15.37
CA LYS B 209 -17.97 8.09 14.24
C LYS B 209 -19.21 7.11 14.37
N PRO B 210 -20.42 7.42 13.82
CA PRO B 210 -21.54 6.45 13.91
C PRO B 210 -21.23 5.10 13.24
N PHE B 211 -21.87 4.01 13.69
CA PHE B 211 -21.64 2.64 13.19
C PHE B 211 -21.84 2.46 11.67
N LEU B 212 -20.87 1.79 11.03
CA LEU B 212 -20.92 1.39 9.63
C LEU B 212 -20.15 0.09 9.37
N LEU B 213 -20.84 -0.87 8.76
CA LEU B 213 -20.29 -2.16 8.36
C LEU B 213 -20.67 -2.50 6.90
N PRO B 214 -19.71 -2.36 5.94
CA PRO B 214 -19.98 -2.75 4.54
C PRO B 214 -20.04 -4.29 4.46
N ILE B 215 -21.19 -4.84 3.99
CA ILE B 215 -21.45 -6.28 3.92
C ILE B 215 -20.62 -6.97 2.80
N GLU B 216 -19.75 -7.91 3.20
CA GLU B 216 -18.89 -8.67 2.29
C GLU B 216 -19.47 -10.05 1.92
N ASP B 217 -20.24 -10.68 2.80
CA ASP B 217 -20.86 -11.99 2.54
C ASP B 217 -22.13 -12.15 3.38
N VAL B 218 -22.92 -13.23 3.16
CA VAL B 218 -24.18 -13.50 3.87
C VAL B 218 -24.43 -15.01 4.02
N PHE B 219 -24.98 -15.44 5.18
CA PHE B 219 -25.32 -16.84 5.48
C PHE B 219 -26.62 -16.99 6.28
N SER B 220 -27.27 -18.16 6.14
CA SER B 220 -28.44 -18.51 6.92
C SER B 220 -27.95 -19.54 7.91
N ILE B 221 -27.77 -19.10 9.17
CA ILE B 221 -27.29 -19.93 10.29
C ILE B 221 -28.34 -20.98 10.66
N SER B 222 -27.88 -22.24 10.95
CA SER B 222 -28.71 -23.40 11.28
C SER B 222 -29.77 -23.09 12.33
N GLY B 223 -29.36 -22.75 13.53
CA GLY B 223 -30.32 -22.46 14.59
C GLY B 223 -30.92 -21.08 14.44
N ARG B 224 -30.07 -20.08 14.59
CA ARG B 224 -30.41 -18.66 14.55
C ARG B 224 -30.83 -18.11 13.17
N GLY B 225 -30.87 -16.79 13.06
CA GLY B 225 -31.25 -16.08 11.84
C GLY B 225 -30.17 -16.04 10.81
N THR B 226 -29.99 -14.86 10.20
CA THR B 226 -29.03 -14.60 9.11
C THR B 226 -27.79 -13.84 9.57
N VAL B 227 -26.61 -14.21 9.05
CA VAL B 227 -25.35 -13.53 9.36
C VAL B 227 -24.84 -12.73 8.12
N VAL B 228 -24.37 -11.49 8.38
CA VAL B 228 -23.81 -10.56 7.39
C VAL B 228 -22.38 -10.21 7.84
N THR B 229 -21.38 -10.67 7.09
CA THR B 229 -19.96 -10.49 7.44
C THR B 229 -19.34 -9.20 6.88
N GLY B 230 -18.20 -8.79 7.46
CA GLY B 230 -17.44 -7.63 7.03
C GLY B 230 -16.56 -6.98 8.09
N ARG B 231 -15.69 -6.03 7.67
CA ARG B 231 -14.85 -5.28 8.61
C ARG B 231 -15.66 -4.06 9.05
N VAL B 232 -15.74 -3.81 10.38
CA VAL B 232 -16.43 -2.66 10.95
C VAL B 232 -15.54 -1.49 10.59
N GLU B 233 -16.07 -0.53 9.82
CA GLU B 233 -15.33 0.63 9.33
C GLU B 233 -15.17 1.72 10.38
N ARG B 234 -16.29 2.05 11.04
CA ARG B 234 -16.41 3.06 12.06
C ARG B 234 -17.51 2.68 13.06
N GLY B 235 -17.35 3.13 14.29
CA GLY B 235 -18.30 2.92 15.37
C GLY B 235 -18.19 1.60 16.10
N ILE B 236 -19.29 1.23 16.78
CA ILE B 236 -19.46 0.01 17.54
C ILE B 236 -20.90 -0.50 17.32
N ILE B 237 -21.07 -1.82 17.16
CA ILE B 237 -22.37 -2.48 17.10
C ILE B 237 -22.46 -3.35 18.35
N LYS B 238 -23.35 -3.00 19.29
CA LYS B 238 -23.55 -3.77 20.52
C LYS B 238 -24.74 -4.72 20.34
N VAL B 239 -24.65 -5.95 20.86
CA VAL B 239 -25.73 -6.96 20.83
C VAL B 239 -27.05 -6.37 21.43
N GLY B 240 -28.16 -6.60 20.74
CA GLY B 240 -29.47 -6.13 21.15
C GLY B 240 -29.89 -4.82 20.50
N GLU B 241 -28.90 -3.95 20.16
CA GLU B 241 -29.06 -2.65 19.51
C GLU B 241 -29.63 -2.77 18.11
N GLU B 242 -30.59 -1.88 17.75
CA GLU B 242 -31.22 -1.83 16.43
C GLU B 242 -30.26 -1.33 15.34
N VAL B 243 -30.42 -1.89 14.14
CA VAL B 243 -29.56 -1.65 12.99
C VAL B 243 -30.39 -1.39 11.70
N GLU B 244 -29.75 -0.81 10.68
CA GLU B 244 -30.36 -0.56 9.39
C GLU B 244 -29.57 -1.26 8.32
N ILE B 245 -30.27 -1.81 7.33
CA ILE B 245 -29.68 -2.47 6.16
C ILE B 245 -30.01 -1.49 5.01
N VAL B 246 -29.09 -0.53 4.80
CA VAL B 246 -29.22 0.55 3.82
C VAL B 246 -28.37 0.21 2.59
N GLY B 247 -29.03 0.12 1.45
CA GLY B 247 -28.39 -0.24 0.20
C GLY B 247 -29.37 -0.41 -0.95
N ILE B 248 -29.01 -1.30 -1.88
CA ILE B 248 -29.64 -1.67 -3.17
C ILE B 248 -31.19 -1.61 -3.20
N LYS B 249 -31.85 -2.14 -2.16
CA LYS B 249 -33.33 -2.20 -2.05
C LYS B 249 -33.85 -1.06 -1.14
N GLU B 250 -35.03 -1.22 -0.52
CA GLU B 250 -35.59 -0.22 0.39
C GLU B 250 -35.07 -0.55 1.80
N THR B 251 -34.44 0.45 2.48
CA THR B 251 -33.83 0.38 3.81
C THR B 251 -34.64 -0.48 4.79
N GLN B 252 -33.99 -1.45 5.45
CA GLN B 252 -34.69 -2.31 6.41
C GLN B 252 -34.09 -2.30 7.82
N LYS B 253 -34.98 -2.21 8.84
CA LYS B 253 -34.61 -2.24 10.25
C LYS B 253 -34.45 -3.68 10.67
N SER B 254 -33.52 -3.94 11.62
CA SER B 254 -33.23 -5.24 12.21
C SER B 254 -32.56 -5.09 13.58
N THR B 255 -32.27 -6.22 14.26
CA THR B 255 -31.64 -6.19 15.58
C THR B 255 -30.47 -7.13 15.62
N CYS B 256 -29.31 -6.64 16.11
CA CYS B 256 -28.12 -7.47 16.25
C CYS B 256 -28.40 -8.46 17.38
N THR B 257 -28.41 -9.75 17.07
CA THR B 257 -28.62 -10.78 18.06
C THR B 257 -27.27 -11.41 18.43
N GLY B 258 -26.20 -11.02 17.72
CA GLY B 258 -24.85 -11.50 17.95
C GLY B 258 -23.75 -10.94 17.06
N VAL B 259 -22.53 -10.96 17.58
CA VAL B 259 -21.26 -10.54 16.97
C VAL B 259 -20.27 -11.69 17.33
N GLU B 260 -19.75 -12.37 16.29
CA GLU B 260 -18.83 -13.51 16.38
C GLU B 260 -17.63 -13.27 15.50
N MET B 261 -16.42 -13.43 16.05
CA MET B 261 -15.13 -13.26 15.37
C MET B 261 -14.49 -14.65 15.30
N PHE B 262 -14.71 -15.36 14.17
CA PHE B 262 -14.26 -16.73 13.90
C PHE B 262 -14.60 -17.60 15.13
N ARG B 263 -15.88 -17.91 15.40
CA ARG B 263 -16.25 -18.71 16.60
C ARG B 263 -16.09 -17.98 17.99
N LYS B 264 -15.43 -16.80 18.05
CA LYS B 264 -15.31 -16.09 19.33
C LYS B 264 -16.51 -15.14 19.55
N LEU B 265 -17.38 -15.50 20.49
CA LEU B 265 -18.59 -14.78 20.85
C LEU B 265 -18.30 -13.46 21.57
N LEU B 266 -18.67 -12.34 20.94
CA LEU B 266 -18.51 -10.98 21.46
C LEU B 266 -19.87 -10.34 21.74
N ASP B 267 -19.88 -9.36 22.65
CA ASP B 267 -21.10 -8.62 22.98
C ASP B 267 -21.18 -7.34 22.16
N GLU B 268 -20.05 -6.95 21.51
CA GLU B 268 -19.92 -5.76 20.65
C GLU B 268 -18.87 -5.92 19.56
N GLY B 269 -19.03 -5.19 18.47
CA GLY B 269 -18.13 -5.20 17.32
C GLY B 269 -17.57 -3.82 17.13
N ARG B 270 -16.23 -3.68 17.30
CA ARG B 270 -15.50 -2.41 17.23
C ARG B 270 -14.86 -2.12 15.87
N ALA B 271 -14.51 -0.84 15.59
CA ALA B 271 -13.87 -0.41 14.34
C ALA B 271 -12.55 -1.16 14.10
N GLY B 272 -12.37 -1.60 12.84
CA GLY B 272 -11.23 -2.36 12.37
C GLY B 272 -11.32 -3.85 12.65
N GLU B 273 -12.43 -4.30 13.30
CA GLU B 273 -12.68 -5.71 13.63
C GLU B 273 -13.41 -6.42 12.51
N ASN B 274 -12.99 -7.67 12.21
CA ASN B 274 -13.55 -8.53 11.17
C ASN B 274 -14.51 -9.53 11.79
N VAL B 275 -15.80 -9.16 11.77
CA VAL B 275 -16.86 -9.87 12.46
C VAL B 275 -17.97 -10.44 11.55
N GLY B 276 -18.90 -11.14 12.20
CA GLY B 276 -20.10 -11.72 11.62
C GLY B 276 -21.27 -11.24 12.47
N VAL B 277 -22.14 -10.37 11.89
CA VAL B 277 -23.29 -9.82 12.62
C VAL B 277 -24.54 -10.66 12.36
N LEU B 278 -25.20 -11.11 13.45
CA LEU B 278 -26.41 -11.96 13.44
C LEU B 278 -27.68 -11.08 13.46
N LEU B 279 -28.53 -11.18 12.42
CA LEU B 279 -29.74 -10.37 12.22
C LEU B 279 -31.06 -11.11 12.42
N ARG B 280 -31.94 -10.53 13.25
CA ARG B 280 -33.26 -11.08 13.56
C ARG B 280 -34.31 -10.58 12.57
N GLY B 281 -35.10 -11.52 12.05
CA GLY B 281 -36.20 -11.25 11.13
C GLY B 281 -35.82 -10.96 9.70
N ILE B 282 -34.52 -11.13 9.34
CA ILE B 282 -33.98 -10.91 8.00
C ILE B 282 -33.49 -12.23 7.42
N LYS B 283 -33.91 -12.51 6.18
CA LYS B 283 -33.54 -13.70 5.43
C LYS B 283 -32.41 -13.37 4.44
N ARG B 284 -31.67 -14.40 3.96
CA ARG B 284 -30.53 -14.33 3.03
C ARG B 284 -30.85 -13.53 1.78
N GLU B 285 -32.06 -13.76 1.23
CA GLU B 285 -32.61 -13.18 0.00
C GLU B 285 -32.69 -11.67 0.07
N GLU B 286 -32.97 -11.13 1.27
CA GLU B 286 -33.10 -9.69 1.51
C GLU B 286 -31.79 -8.93 1.39
N ILE B 287 -30.65 -9.63 1.58
CA ILE B 287 -29.30 -9.06 1.51
C ILE B 287 -28.76 -9.14 0.07
N GLU B 288 -28.28 -8.02 -0.43
CA GLU B 288 -27.76 -7.83 -1.78
C GLU B 288 -26.32 -7.33 -1.70
N ARG B 289 -25.55 -7.56 -2.77
CA ARG B 289 -24.15 -7.14 -2.87
C ARG B 289 -24.01 -5.63 -2.73
N GLY B 290 -23.09 -5.20 -1.88
CA GLY B 290 -22.80 -3.79 -1.64
C GLY B 290 -23.83 -3.03 -0.83
N GLN B 291 -24.39 -3.65 0.20
CA GLN B 291 -25.31 -2.96 1.11
C GLN B 291 -24.47 -2.71 2.33
N VAL B 292 -24.95 -1.89 3.25
CA VAL B 292 -24.21 -1.64 4.47
C VAL B 292 -25.09 -1.88 5.67
N LEU B 293 -24.47 -2.04 6.84
CA LEU B 293 -25.17 -2.12 8.10
C LEU B 293 -24.86 -0.76 8.73
N ALA B 294 -25.88 -0.08 9.32
CA ALA B 294 -25.69 1.27 9.88
C ALA B 294 -26.52 1.60 11.10
N LYS B 295 -25.97 2.45 11.99
CA LYS B 295 -26.70 2.98 13.16
C LYS B 295 -27.89 3.73 12.55
N PRO B 296 -29.17 3.32 12.82
CA PRO B 296 -30.31 3.98 12.15
C PRO B 296 -30.28 5.51 12.06
N GLY B 297 -30.62 6.00 10.88
CA GLY B 297 -30.71 7.40 10.53
C GLY B 297 -29.41 8.14 10.28
N THR B 298 -28.27 7.41 10.18
CA THR B 298 -26.96 8.03 10.00
C THR B 298 -26.52 8.14 8.52
N ILE B 299 -26.84 7.12 7.71
CA ILE B 299 -26.51 7.11 6.27
C ILE B 299 -27.77 6.79 5.44
N LYS B 300 -27.98 7.54 4.35
CA LYS B 300 -29.16 7.40 3.47
C LYS B 300 -28.78 6.89 2.06
N PRO B 301 -29.66 6.12 1.36
CA PRO B 301 -29.29 5.62 0.02
C PRO B 301 -29.37 6.70 -1.03
N HIS B 302 -28.47 6.66 -2.05
CA HIS B 302 -28.46 7.62 -3.15
C HIS B 302 -28.14 6.96 -4.48
N THR B 303 -28.78 7.46 -5.55
CA THR B 303 -28.54 7.04 -6.95
C THR B 303 -27.76 8.12 -7.71
N LYS B 304 -28.25 9.39 -7.67
CA LYS B 304 -27.67 10.55 -8.35
C LYS B 304 -26.69 11.33 -7.47
N PHE B 305 -25.53 11.73 -8.05
CA PHE B 305 -24.49 12.49 -7.38
C PHE B 305 -23.55 13.26 -8.31
N GLU B 306 -22.99 14.36 -7.80
CA GLU B 306 -21.98 15.17 -8.46
C GLU B 306 -20.64 14.56 -8.01
N SER B 307 -19.68 14.40 -8.93
CA SER B 307 -18.41 13.77 -8.57
C SER B 307 -17.18 14.39 -9.24
N GLU B 308 -16.00 14.25 -8.60
CA GLU B 308 -14.72 14.65 -9.16
C GLU B 308 -14.08 13.37 -9.57
N VAL B 309 -13.73 13.28 -10.84
CA VAL B 309 -13.26 12.07 -11.50
C VAL B 309 -11.94 12.28 -12.23
N TYR B 310 -10.98 11.35 -12.02
CA TYR B 310 -9.72 11.32 -12.75
C TYR B 310 -9.76 10.02 -13.55
N ILE B 311 -9.62 10.13 -14.88
CA ILE B 311 -9.65 9.01 -15.81
C ILE B 311 -8.21 8.73 -16.21
N LEU B 312 -7.78 7.48 -16.04
CA LEU B 312 -6.43 7.01 -16.33
C LEU B 312 -5.97 7.22 -17.79
N SER B 313 -4.65 7.32 -18.01
CA SER B 313 -4.06 7.50 -19.34
C SER B 313 -3.70 6.12 -19.91
N LYS B 314 -3.25 6.06 -21.20
CA LYS B 314 -2.84 4.81 -21.86
C LYS B 314 -1.63 4.20 -21.11
N ASP B 315 -0.64 5.05 -20.76
CA ASP B 315 0.58 4.67 -20.02
C ASP B 315 0.31 4.27 -18.56
N GLU B 316 -0.89 4.58 -18.04
CA GLU B 316 -1.35 4.26 -16.68
C GLU B 316 -2.22 2.98 -16.63
N GLY B 317 -2.40 2.34 -17.77
CA GLY B 317 -3.21 1.13 -17.89
C GLY B 317 -4.69 1.38 -18.12
N GLY B 318 -5.07 2.63 -18.46
CA GLY B 318 -6.45 3.01 -18.70
C GLY B 318 -6.92 2.82 -20.14
N ARG B 319 -7.87 3.66 -20.56
CA ARG B 319 -8.43 3.63 -21.91
C ARG B 319 -7.41 4.17 -22.94
N HIS B 320 -7.70 3.95 -24.24
CA HIS B 320 -6.95 4.41 -25.41
C HIS B 320 -7.87 5.33 -26.21
N THR B 321 -9.18 5.18 -25.98
CA THR B 321 -10.21 5.91 -26.71
C THR B 321 -11.06 6.76 -25.75
N PRO B 322 -11.59 7.93 -26.18
CA PRO B 322 -12.40 8.74 -25.25
C PRO B 322 -13.84 8.24 -25.10
N PHE B 323 -14.49 8.61 -23.97
CA PHE B 323 -15.89 8.28 -23.77
C PHE B 323 -16.77 9.49 -23.99
N PHE B 324 -18.03 9.24 -24.41
CA PHE B 324 -19.05 10.24 -24.71
C PHE B 324 -20.18 10.19 -23.68
N LYS B 325 -21.36 10.78 -24.00
CA LYS B 325 -22.51 10.85 -23.08
C LYS B 325 -23.19 9.48 -22.78
N GLY B 326 -23.07 8.51 -23.70
CA GLY B 326 -23.67 7.18 -23.58
C GLY B 326 -22.87 6.15 -22.81
N TYR B 327 -21.77 6.57 -22.18
CA TYR B 327 -20.90 5.72 -21.37
C TYR B 327 -21.63 5.24 -20.12
N ARG B 328 -21.61 3.91 -19.90
CA ARG B 328 -22.18 3.25 -18.74
C ARG B 328 -21.11 2.36 -18.11
N PRO B 329 -20.20 2.92 -17.26
CA PRO B 329 -19.21 2.06 -16.62
C PRO B 329 -19.75 1.51 -15.29
N GLN B 330 -18.88 0.83 -14.51
CA GLN B 330 -19.19 0.29 -13.20
C GLN B 330 -18.56 1.22 -12.17
N PHE B 331 -19.23 1.40 -11.03
CA PHE B 331 -18.78 2.28 -9.97
C PHE B 331 -18.61 1.46 -8.71
N TYR B 332 -17.37 1.03 -8.46
CA TYR B 332 -16.97 0.22 -7.31
C TYR B 332 -16.90 1.14 -6.09
N PHE B 333 -17.83 0.99 -5.14
CA PHE B 333 -17.90 1.88 -3.99
C PHE B 333 -17.16 1.36 -2.77
N ARG B 334 -17.52 0.17 -2.28
CA ARG B 334 -16.82 -0.42 -1.16
C ARG B 334 -16.58 -1.89 -1.43
N THR B 335 -17.66 -2.65 -1.72
CA THR B 335 -17.65 -4.11 -1.87
C THR B 335 -18.17 -4.68 -3.21
N THR B 336 -18.66 -3.81 -4.13
CA THR B 336 -19.18 -4.26 -5.43
C THR B 336 -19.20 -3.13 -6.48
N ASP B 337 -19.46 -3.51 -7.76
CA ASP B 337 -19.62 -2.64 -8.91
C ASP B 337 -21.07 -2.35 -9.12
N VAL B 338 -21.42 -1.08 -9.26
CA VAL B 338 -22.79 -0.66 -9.55
C VAL B 338 -22.79 0.08 -10.89
N THR B 339 -23.64 -0.34 -11.85
CA THR B 339 -23.75 0.34 -13.15
C THR B 339 -24.33 1.75 -12.95
N GLY B 340 -23.76 2.71 -13.66
CA GLY B 340 -24.16 4.11 -13.60
C GLY B 340 -24.14 4.81 -14.95
N THR B 341 -25.13 5.69 -15.15
CA THR B 341 -25.36 6.56 -16.30
C THR B 341 -24.66 7.89 -15.97
N ILE B 342 -24.03 8.51 -16.96
CA ILE B 342 -23.27 9.73 -16.74
C ILE B 342 -23.88 10.96 -17.44
N GLU B 343 -23.56 12.14 -16.92
CA GLU B 343 -23.94 13.46 -17.44
C GLU B 343 -22.64 14.21 -17.46
N LEU B 344 -22.34 14.84 -18.59
CA LEU B 344 -21.10 15.59 -18.76
C LEU B 344 -21.29 17.10 -18.55
N PRO B 345 -20.29 17.80 -17.95
CA PRO B 345 -20.44 19.26 -17.74
C PRO B 345 -20.76 19.97 -19.04
N GLU B 346 -21.64 20.99 -19.01
CA GLU B 346 -22.13 21.73 -20.19
C GLU B 346 -21.06 21.94 -21.30
N GLY B 347 -19.84 22.33 -20.92
CA GLY B 347 -18.74 22.56 -21.85
C GLY B 347 -18.01 21.34 -22.40
N VAL B 348 -18.13 20.20 -21.71
CA VAL B 348 -17.48 18.93 -22.07
C VAL B 348 -18.39 18.10 -22.97
N GLU B 349 -17.81 17.55 -24.05
CA GLU B 349 -18.47 16.70 -25.06
C GLU B 349 -17.82 15.31 -25.09
N MET B 350 -16.57 15.21 -24.58
CA MET B 350 -15.69 14.02 -24.53
C MET B 350 -14.91 13.97 -23.23
N VAL B 351 -14.47 12.76 -22.89
CA VAL B 351 -13.59 12.54 -21.76
C VAL B 351 -12.51 11.63 -22.30
N MET B 352 -11.37 12.26 -22.57
CA MET B 352 -10.17 11.66 -23.14
C MET B 352 -9.43 10.89 -22.07
N PRO B 353 -8.64 9.83 -22.42
CA PRO B 353 -7.83 9.15 -21.40
C PRO B 353 -6.82 10.13 -20.81
N GLY B 354 -6.79 10.22 -19.48
CA GLY B 354 -5.92 11.15 -18.74
C GLY B 354 -6.62 12.34 -18.13
N ASP B 355 -7.86 12.63 -18.59
CA ASP B 355 -8.68 13.77 -18.15
C ASP B 355 -9.22 13.68 -16.75
N ASN B 356 -9.44 14.86 -16.13
CA ASN B 356 -10.09 15.02 -14.82
C ASN B 356 -11.29 15.96 -15.02
N ILE B 357 -12.50 15.43 -14.80
CA ILE B 357 -13.78 16.07 -15.09
C ILE B 357 -14.73 16.02 -13.86
N LYS B 358 -15.76 16.91 -13.88
CA LYS B 358 -16.87 16.97 -12.92
C LYS B 358 -17.88 16.01 -13.54
N MET B 359 -18.72 15.32 -12.77
CA MET B 359 -19.62 14.34 -13.39
C MET B 359 -20.87 14.04 -12.58
N VAL B 360 -22.03 14.06 -13.25
CA VAL B 360 -23.29 13.70 -12.57
C VAL B 360 -23.58 12.24 -12.95
N VAL B 361 -23.42 11.35 -11.94
CA VAL B 361 -23.61 9.89 -12.05
C VAL B 361 -24.96 9.50 -11.50
N THR B 362 -25.63 8.54 -12.14
CA THR B 362 -26.92 8.03 -11.71
C THR B 362 -26.79 6.52 -11.74
N LEU B 363 -26.77 5.92 -10.56
CA LEU B 363 -26.62 4.47 -10.46
C LEU B 363 -27.97 3.83 -10.73
N ILE B 364 -27.93 2.57 -11.17
CA ILE B 364 -29.15 1.80 -11.44
C ILE B 364 -29.73 1.27 -10.11
N HIS B 365 -28.87 1.16 -9.07
CA HIS B 365 -29.27 0.75 -7.72
C HIS B 365 -28.73 1.76 -6.69
N PRO B 366 -29.56 2.30 -5.76
CA PRO B 366 -29.00 3.24 -4.76
C PRO B 366 -27.95 2.61 -3.85
N ILE B 367 -26.99 3.43 -3.40
CA ILE B 367 -25.88 3.06 -2.51
C ILE B 367 -25.82 4.09 -1.37
N ALA B 368 -25.61 3.62 -0.12
CA ALA B 368 -25.49 4.48 1.05
C ALA B 368 -24.19 5.26 0.96
N MET B 369 -24.32 6.58 0.93
CA MET B 369 -23.18 7.48 0.79
C MET B 369 -23.51 8.90 1.25
N ASP B 370 -22.47 9.63 1.64
CA ASP B 370 -22.49 11.05 1.93
C ASP B 370 -21.34 11.64 1.12
N ASP B 371 -21.20 12.97 1.13
CA ASP B 371 -20.17 13.72 0.41
C ASP B 371 -18.79 13.38 0.95
N GLY B 372 -17.92 12.89 0.06
CA GLY B 372 -16.54 12.56 0.41
C GLY B 372 -16.12 11.11 0.26
N LEU B 373 -17.08 10.23 -0.11
CA LEU B 373 -16.86 8.82 -0.37
C LEU B 373 -16.14 8.64 -1.71
N ARG B 374 -15.03 7.88 -1.68
CA ARG B 374 -14.20 7.55 -2.84
C ARG B 374 -14.69 6.26 -3.50
N PHE B 375 -14.51 6.15 -4.81
CA PHE B 375 -14.96 5.00 -5.59
C PHE B 375 -14.06 4.83 -6.80
N ALA B 376 -14.04 3.62 -7.34
CA ALA B 376 -13.29 3.28 -8.55
C ALA B 376 -14.28 3.21 -9.71
N ILE B 377 -13.80 3.50 -10.90
CA ILE B 377 -14.62 3.43 -12.10
C ILE B 377 -14.01 2.28 -12.87
N ARG B 378 -14.82 1.30 -13.25
CA ARG B 378 -14.35 0.14 -14.00
C ARG B 378 -15.15 -0.13 -15.28
N GLU B 379 -14.66 -1.09 -16.05
CA GLU B 379 -15.26 -1.52 -17.31
C GLU B 379 -15.17 -3.07 -17.32
N GLY B 380 -16.01 -3.76 -16.57
CA GLY B 380 -15.88 -5.21 -16.48
C GLY B 380 -14.66 -5.66 -15.69
N GLY B 381 -14.57 -5.18 -14.46
CA GLY B 381 -13.51 -5.54 -13.52
C GLY B 381 -12.18 -4.82 -13.66
N ARG B 382 -11.97 -4.04 -14.74
CA ARG B 382 -10.71 -3.29 -14.91
C ARG B 382 -10.94 -1.82 -14.59
N VAL B 384 -10.65 1.95 -14.76
CA VAL B 384 -10.45 2.95 -15.81
C VAL B 384 -10.32 4.36 -15.23
N GLY B 385 -10.68 4.50 -13.97
CA GLY B 385 -10.61 5.79 -13.28
C GLY B 385 -10.89 5.72 -11.80
N ALA B 386 -10.71 6.84 -11.12
CA ALA B 386 -10.96 7.02 -9.69
C ALA B 386 -11.82 8.28 -9.51
N GLY B 387 -12.65 8.31 -8.47
CA GLY B 387 -13.53 9.46 -8.23
C GLY B 387 -13.92 9.69 -6.77
N VAL B 388 -14.52 10.87 -6.48
CA VAL B 388 -14.97 11.29 -5.14
C VAL B 388 -16.40 11.82 -5.20
N VAL B 389 -17.29 11.39 -4.28
CA VAL B 389 -18.66 11.92 -4.21
C VAL B 389 -18.49 13.37 -3.71
N ALA B 390 -18.78 14.33 -4.59
CA ALA B 390 -18.63 15.74 -4.28
C ALA B 390 -19.87 16.31 -3.62
N LYS B 391 -21.05 15.89 -4.13
CA LYS B 391 -22.36 16.37 -3.71
C LYS B 391 -23.45 15.34 -4.02
N VAL B 392 -24.04 14.73 -2.97
CA VAL B 392 -25.14 13.76 -3.09
C VAL B 392 -26.40 14.51 -3.55
N LEU B 393 -27.03 14.02 -4.64
CA LEU B 393 -28.21 14.66 -5.26
C LEU B 393 -29.45 13.80 -5.11
#